data_5FNB
#
_entry.id   5FNB
#
_cell.length_a   55.060
_cell.length_b   106.010
_cell.length_c   107.600
_cell.angle_alpha   90.00
_cell.angle_beta   90.00
_cell.angle_gamma   90.00
#
_symmetry.space_group_name_H-M   'P 21 21 21'
#
loop_
_entity.id
_entity.type
_entity.pdbx_description
1 polymer 'VERSATILE PEROXIDASE VPL2'
2 non-polymer 'CALCIUM ION'
3 non-polymer 'PROTOPORPHYRIN IX CONTAINING FE'
4 non-polymer 'SULFATE ION'
5 water water
#
_entity_poly.entity_id   1
_entity_poly.type   'polypeptide(L)'
_entity_poly.pdbx_seq_one_letter_code
;ATCDDGRTTANAACCILFPILDDIQENLFDGAQCGEKVRESLRLTFHDAIGFSPTLGGGGADGSIIAFDTIETNFPANAG
IDEIVSAQKPFVAKHNISAGDFIQFAGAVGVSNCPGGVRIPFFLGRPDAVAASPDHLVPEPFDSVDSILARMGDAGFSPA
EVVWLLASHSIAAADKVDPSIPGMPFDSTPGVFDSQFFIETLLKGRLFPGTAANKGEAQSPLQGEIRLQSDHLLARDPQT
ACEWQSMVNNQPKIQNRFAATMSKMALLGQDKTKLIDCSDVIPTPPALVGAAHLPAGFSLSDVEQACAATPFPALTADPG
PVTSVPPVPRS
;
_entity_poly.pdbx_strand_id   A,B
#
loop_
_chem_comp.id
_chem_comp.type
_chem_comp.name
_chem_comp.formula
CA non-polymer 'CALCIUM ION' 'Ca 2'
HEM non-polymer 'PROTOPORPHYRIN IX CONTAINING FE' 'C34 H32 Fe N4 O4'
SO4 non-polymer 'SULFATE ION' 'O4 S -2'
#
# COMPACT_ATOMS: atom_id res chain seq x y z
N ALA A 1 -17.05 -26.32 -9.03
CA ALA A 1 -18.01 -26.55 -10.10
C ALA A 1 -17.23 -27.03 -11.32
N THR A 2 -17.94 -27.54 -12.32
CA THR A 2 -17.26 -27.89 -13.57
C THR A 2 -18.04 -27.35 -14.73
N CYS A 3 -17.34 -27.13 -15.84
CA CYS A 3 -17.95 -26.70 -17.07
C CYS A 3 -18.28 -27.93 -17.88
N ASP A 4 -18.84 -27.71 -19.06
CA ASP A 4 -19.38 -28.76 -19.92
C ASP A 4 -18.37 -29.87 -20.22
N ASP A 5 -17.09 -29.50 -20.31
CA ASP A 5 -16.05 -30.47 -20.69
C ASP A 5 -15.28 -30.96 -19.47
N GLY A 6 -15.79 -30.68 -18.28
CA GLY A 6 -15.15 -31.16 -17.08
C GLY A 6 -14.13 -30.23 -16.45
N ARG A 7 -13.86 -29.09 -17.09
CA ARG A 7 -12.91 -28.14 -16.49
C ARG A 7 -13.45 -27.53 -15.21
N THR A 8 -12.60 -27.52 -14.18
CA THR A 8 -12.98 -26.96 -12.89
C THR A 8 -12.97 -25.42 -12.89
N THR A 9 -14.02 -24.85 -12.32
CA THR A 9 -14.03 -23.42 -12.01
C THR A 9 -14.65 -23.24 -10.63
N ALA A 10 -14.23 -22.22 -9.88
CA ALA A 10 -14.68 -22.11 -8.50
C ALA A 10 -16.19 -21.81 -8.39
N ASN A 11 -16.76 -21.23 -9.44
CA ASN A 11 -18.20 -20.95 -9.47
C ASN A 11 -18.79 -21.26 -10.84
N ALA A 12 -19.88 -22.02 -10.86
CA ALA A 12 -20.50 -22.46 -12.11
C ALA A 12 -20.86 -21.28 -13.02
N ALA A 13 -21.09 -20.11 -12.42
CA ALA A 13 -21.44 -18.92 -13.19
C ALA A 13 -20.34 -18.54 -14.18
N CYS A 14 -19.10 -18.90 -13.86
CA CYS A 14 -17.95 -18.50 -14.67
C CYS A 14 -17.89 -19.22 -16.02
N CYS A 15 -18.67 -20.29 -16.17
CA CYS A 15 -18.60 -21.07 -17.40
C CYS A 15 -19.01 -20.29 -18.65
N ILE A 16 -19.89 -19.31 -18.46
CA ILE A 16 -20.30 -18.49 -19.59
C ILE A 16 -19.15 -17.66 -20.18
N LEU A 17 -18.05 -17.52 -19.43
CA LEU A 17 -16.94 -16.69 -19.89
C LEU A 17 -16.07 -17.34 -20.96
N PHE A 18 -16.07 -18.66 -21.03
CA PHE A 18 -15.20 -19.37 -21.97
C PHE A 18 -15.50 -19.13 -23.45
N PRO A 19 -16.78 -19.17 -23.86
CA PRO A 19 -17.03 -18.83 -25.27
C PRO A 19 -16.69 -17.38 -25.58
N ILE A 20 -16.78 -16.51 -24.57
CA ILE A 20 -16.46 -15.10 -24.76
C ILE A 20 -14.96 -14.97 -24.91
N LEU A 21 -14.23 -15.69 -24.06
CA LEU A 21 -12.79 -15.81 -24.16
C LEU A 21 -12.35 -16.22 -25.57
N ASP A 22 -12.92 -17.32 -26.07
CA ASP A 22 -12.54 -17.82 -27.39
C ASP A 22 -12.82 -16.82 -28.49
N ASP A 23 -13.97 -16.18 -28.43
CA ASP A 23 -14.38 -15.23 -29.46
C ASP A 23 -13.44 -14.02 -29.49
N ILE A 24 -13.14 -13.43 -28.34
CA ILE A 24 -12.28 -12.24 -28.32
C ILE A 24 -10.81 -12.58 -28.68
N GLN A 25 -10.35 -13.75 -28.26
CA GLN A 25 -9.00 -14.16 -28.63
C GLN A 25 -8.86 -14.20 -30.14
N GLU A 26 -9.91 -14.68 -30.80
CA GLU A 26 -9.90 -14.88 -32.24
C GLU A 26 -10.22 -13.59 -32.97
N ASN A 27 -11.25 -12.88 -32.50
CA ASN A 27 -11.85 -11.82 -33.30
C ASN A 27 -11.63 -10.40 -32.81
N LEU A 28 -11.06 -10.27 -31.61
CA LEU A 28 -10.57 -8.97 -31.13
C LEU A 28 -9.04 -8.94 -31.06
N PHE A 29 -8.44 -10.01 -30.56
CA PHE A 29 -7.00 -10.01 -30.29
C PHE A 29 -6.15 -10.68 -31.37
N ASP A 30 -6.70 -10.85 -32.57
CA ASP A 30 -5.90 -11.28 -33.72
C ASP A 30 -5.20 -12.61 -33.47
N GLY A 31 -5.90 -13.55 -32.85
CA GLY A 31 -5.34 -14.87 -32.56
C GLY A 31 -4.54 -14.89 -31.27
N ALA A 32 -5.10 -14.29 -30.22
CA ALA A 32 -4.45 -14.24 -28.90
C ALA A 32 -3.04 -13.64 -28.92
N GLN A 33 -2.86 -12.58 -29.71
CA GLN A 33 -1.60 -11.88 -29.77
C GLN A 33 -1.61 -10.72 -28.78
N CYS A 34 -0.42 -10.29 -28.38
CA CYS A 34 -0.25 -9.09 -27.56
C CYS A 34 -0.05 -7.91 -28.48
N GLY A 35 -1.09 -7.52 -29.20
CA GLY A 35 -1.00 -6.48 -30.21
C GLY A 35 -1.82 -5.24 -29.90
N GLU A 36 -2.14 -4.48 -30.95
CA GLU A 36 -2.79 -3.19 -30.78
C GLU A 36 -4.09 -3.26 -29.97
N LYS A 37 -4.94 -4.24 -30.27
CA LYS A 37 -6.23 -4.32 -29.61
C LYS A 37 -6.09 -4.69 -28.13
N VAL A 38 -5.07 -5.47 -27.79
CA VAL A 38 -4.80 -5.79 -26.39
C VAL A 38 -4.45 -4.49 -25.66
N ARG A 39 -3.56 -3.70 -26.26
CA ARG A 39 -3.10 -2.47 -25.63
C ARG A 39 -4.26 -1.50 -25.47
N GLU A 40 -5.09 -1.39 -26.48
CA GLU A 40 -6.20 -0.44 -26.41
C GLU A 40 -7.21 -0.90 -25.36
N SER A 41 -7.41 -2.21 -25.27
CA SER A 41 -8.32 -2.78 -24.29
C SER A 41 -7.84 -2.56 -22.85
N LEU A 42 -6.54 -2.68 -22.64
CA LEU A 42 -5.98 -2.40 -21.30
C LEU A 42 -6.22 -0.94 -20.99
N ARG A 43 -5.96 -0.08 -21.97
CA ARG A 43 -6.15 1.34 -21.76
C ARG A 43 -7.62 1.65 -21.42
N LEU A 44 -8.54 0.93 -22.04
CA LEU A 44 -9.98 1.17 -21.80
C LEU A 44 -10.41 0.85 -20.37
N THR A 45 -9.77 -0.16 -19.76
CA THR A 45 -10.12 -0.53 -18.38
C THR A 45 -9.95 0.67 -17.47
N PHE A 46 -8.90 1.44 -17.75
CA PHE A 46 -8.58 2.64 -16.96
C PHE A 46 -9.55 3.78 -17.25
N HIS A 47 -9.80 4.03 -18.53
CA HIS A 47 -10.65 5.15 -18.90
C HIS A 47 -12.10 4.89 -18.46
N ASP A 48 -12.49 3.62 -18.37
CA ASP A 48 -13.83 3.31 -17.85
C ASP A 48 -13.84 3.48 -16.34
N ALA A 49 -12.85 2.89 -15.66
CA ALA A 49 -12.86 2.80 -14.21
C ALA A 49 -12.59 4.13 -13.50
N ILE A 50 -11.70 4.94 -14.07
CA ILE A 50 -11.22 6.11 -13.35
C ILE A 50 -12.31 7.20 -13.25
N GLY A 51 -13.38 7.02 -14.03
CA GLY A 51 -14.55 7.90 -13.92
C GLY A 51 -15.27 7.63 -12.61
N PHE A 52 -14.60 7.92 -11.50
CA PHE A 52 -15.14 7.62 -10.18
C PHE A 52 -14.59 8.58 -9.12
N SER A 53 -15.48 9.19 -8.36
CA SER A 53 -15.10 10.08 -7.28
C SER A 53 -16.14 10.03 -6.20
N PRO A 54 -15.72 9.91 -4.93
CA PRO A 54 -16.74 9.88 -3.88
C PRO A 54 -17.59 11.15 -3.85
N THR A 55 -17.01 12.30 -4.18
CA THR A 55 -17.75 13.56 -4.15
C THR A 55 -18.14 14.08 -5.55
N LEU A 56 -17.28 13.84 -6.54
CA LEU A 56 -17.52 14.38 -7.88
C LEU A 56 -18.42 13.50 -8.77
N GLY A 57 -18.70 12.27 -8.32
CA GLY A 57 -19.58 11.39 -9.08
C GLY A 57 -18.88 10.41 -10.00
N GLY A 58 -19.66 9.66 -10.76
CA GLY A 58 -19.13 8.64 -11.66
C GLY A 58 -19.25 7.27 -11.01
N GLY A 59 -19.68 6.29 -11.81
CA GLY A 59 -19.91 4.95 -11.30
C GLY A 59 -18.72 4.01 -11.44
N GLY A 60 -17.57 4.55 -11.84
CA GLY A 60 -16.35 3.77 -11.92
C GLY A 60 -16.34 2.70 -13.00
N ALA A 61 -15.97 1.48 -12.62
CA ALA A 61 -15.83 0.37 -13.57
C ALA A 61 -17.22 -0.20 -13.87
N ASP A 62 -17.97 0.52 -14.69
CA ASP A 62 -19.40 0.27 -14.85
C ASP A 62 -19.79 0.17 -16.32
N GLY A 63 -18.81 0.23 -17.21
CA GLY A 63 -19.07 0.12 -18.63
C GLY A 63 -19.68 1.37 -19.25
N SER A 64 -19.70 2.47 -18.51
CA SER A 64 -20.30 3.72 -18.97
C SER A 64 -19.64 4.28 -20.26
N ILE A 65 -18.35 4.03 -20.43
CA ILE A 65 -17.65 4.56 -21.59
C ILE A 65 -18.14 3.91 -22.89
N ILE A 66 -18.75 2.72 -22.77
CA ILE A 66 -19.40 2.08 -23.91
C ILE A 66 -20.88 2.46 -23.99
N ALA A 67 -21.57 2.41 -22.84
CA ALA A 67 -23.02 2.64 -22.79
C ALA A 67 -23.39 4.10 -23.05
N PHE A 68 -22.48 5.00 -22.70
CA PHE A 68 -22.66 6.41 -22.99
C PHE A 68 -21.51 6.93 -23.84
N ASP A 69 -21.19 6.21 -24.92
CA ASP A 69 -19.98 6.50 -25.71
C ASP A 69 -19.97 7.86 -26.41
N THR A 70 -21.11 8.31 -26.92
CA THR A 70 -21.14 9.63 -27.56
C THR A 70 -20.81 10.77 -26.59
N ILE A 71 -21.11 10.58 -25.32
CA ILE A 71 -20.74 11.57 -24.29
C ILE A 71 -19.26 11.41 -23.91
N GLU A 72 -18.91 10.23 -23.41
CA GLU A 72 -17.57 10.02 -22.84
C GLU A 72 -16.41 10.04 -23.84
N THR A 73 -16.58 9.40 -25.00
CA THR A 73 -15.49 9.37 -25.99
C THR A 73 -15.20 10.76 -26.54
N ASN A 74 -16.07 11.72 -26.23
CA ASN A 74 -15.87 13.11 -26.63
C ASN A 74 -15.17 13.99 -25.59
N PHE A 75 -14.95 13.47 -24.38
CA PHE A 75 -14.09 14.18 -23.43
C PHE A 75 -12.69 14.27 -24.03
N PRO A 76 -12.07 15.46 -23.95
CA PRO A 76 -10.69 15.69 -24.39
C PRO A 76 -9.72 14.62 -23.89
N ALA A 77 -9.85 14.21 -22.63
CA ALA A 77 -8.95 13.20 -22.07
C ALA A 77 -9.19 11.81 -22.65
N ASN A 78 -10.29 11.62 -23.38
CA ASN A 78 -10.58 10.32 -23.98
C ASN A 78 -10.28 10.28 -25.47
N ALA A 79 -9.45 11.22 -25.93
CA ALA A 79 -9.08 11.26 -27.34
C ALA A 79 -8.55 9.92 -27.82
N GLY A 80 -9.10 9.44 -28.94
CA GLY A 80 -8.64 8.21 -29.54
C GLY A 80 -9.29 6.96 -28.97
N ILE A 81 -10.02 7.09 -27.87
CA ILE A 81 -10.60 5.92 -27.24
C ILE A 81 -11.79 5.39 -28.04
N ASP A 82 -12.30 6.19 -28.98
CA ASP A 82 -13.49 5.78 -29.74
C ASP A 82 -13.31 4.48 -30.53
N GLU A 83 -12.11 4.28 -31.08
CA GLU A 83 -11.86 3.09 -31.89
C GLU A 83 -12.00 1.76 -31.13
N ILE A 84 -11.44 1.66 -29.93
CA ILE A 84 -11.59 0.42 -29.15
C ILE A 84 -13.01 0.26 -28.59
N VAL A 85 -13.65 1.36 -28.19
CA VAL A 85 -15.07 1.30 -27.79
C VAL A 85 -15.90 0.72 -28.93
N SER A 86 -15.70 1.27 -30.12
CA SER A 86 -16.39 0.80 -31.32
C SER A 86 -16.11 -0.67 -31.66
N ALA A 87 -14.88 -1.12 -31.45
CA ALA A 87 -14.54 -2.52 -31.69
C ALA A 87 -15.16 -3.47 -30.66
N GLN A 88 -15.36 -3.00 -29.43
CA GLN A 88 -15.85 -3.86 -28.36
C GLN A 88 -17.37 -3.96 -28.32
N LYS A 89 -18.05 -2.92 -28.79
CA LYS A 89 -19.52 -2.89 -28.75
C LYS A 89 -20.22 -4.14 -29.33
N PRO A 90 -19.76 -4.66 -30.48
CA PRO A 90 -20.46 -5.84 -31.00
C PRO A 90 -20.29 -7.06 -30.11
N PHE A 91 -19.18 -7.16 -29.40
CA PHE A 91 -18.98 -8.30 -28.52
C PHE A 91 -19.93 -8.23 -27.33
N VAL A 92 -20.08 -7.03 -26.77
CA VAL A 92 -21.02 -6.81 -25.66
C VAL A 92 -22.44 -7.18 -26.08
N ALA A 93 -22.83 -6.73 -27.26
CA ALA A 93 -24.20 -6.97 -27.73
C ALA A 93 -24.43 -8.46 -28.00
N LYS A 94 -23.39 -9.12 -28.50
CA LYS A 94 -23.45 -10.52 -28.89
C LYS A 94 -23.39 -11.46 -27.69
N HIS A 95 -22.67 -11.05 -26.66
CA HIS A 95 -22.55 -11.93 -25.52
C HIS A 95 -23.48 -11.48 -24.40
N ASN A 96 -23.60 -12.31 -23.36
CA ASN A 96 -24.60 -12.13 -22.35
C ASN A 96 -23.93 -11.52 -21.12
N ILE A 97 -23.05 -10.55 -21.37
CA ILE A 97 -22.21 -9.98 -20.33
C ILE A 97 -22.41 -8.46 -20.30
N SER A 98 -22.36 -7.84 -19.12
CA SER A 98 -22.51 -6.39 -19.03
C SER A 98 -21.29 -5.70 -19.63
N ALA A 99 -21.46 -4.46 -20.09
CA ALA A 99 -20.34 -3.71 -20.66
C ALA A 99 -19.22 -3.50 -19.64
N GLY A 100 -19.59 -3.29 -18.38
CA GLY A 100 -18.58 -3.12 -17.34
C GLY A 100 -17.77 -4.38 -17.10
N ASP A 101 -18.46 -5.53 -17.12
CA ASP A 101 -17.75 -6.80 -17.05
C ASP A 101 -16.88 -7.07 -18.28
N PHE A 102 -17.41 -6.77 -19.46
CA PHE A 102 -16.68 -7.08 -20.68
C PHE A 102 -15.37 -6.29 -20.77
N ILE A 103 -15.43 -5.01 -20.42
CA ILE A 103 -14.23 -4.18 -20.51
C ILE A 103 -13.10 -4.77 -19.66
N GLN A 104 -13.43 -5.12 -18.41
CA GLN A 104 -12.39 -5.63 -17.50
C GLN A 104 -11.94 -7.02 -17.92
N PHE A 105 -12.88 -7.85 -18.38
CA PHE A 105 -12.56 -9.18 -18.86
C PHE A 105 -11.65 -9.11 -20.09
N ALA A 106 -11.97 -8.24 -21.04
CA ALA A 106 -11.14 -8.13 -22.25
C ALA A 106 -9.72 -7.68 -21.88
N GLY A 107 -9.62 -6.75 -20.94
CA GLY A 107 -8.31 -6.28 -20.45
C GLY A 107 -7.48 -7.37 -19.79
N ALA A 108 -8.10 -8.15 -18.91
CA ALA A 108 -7.37 -9.22 -18.21
C ALA A 108 -6.96 -10.31 -19.20
N VAL A 109 -7.84 -10.63 -20.14
CA VAL A 109 -7.53 -11.63 -21.15
C VAL A 109 -6.41 -11.13 -22.07
N GLY A 110 -6.50 -9.87 -22.47
CA GLY A 110 -5.46 -9.28 -23.30
C GLY A 110 -4.08 -9.36 -22.65
N VAL A 111 -3.99 -8.94 -21.39
CA VAL A 111 -2.72 -8.95 -20.68
C VAL A 111 -2.15 -10.36 -20.60
N SER A 112 -3.03 -11.36 -20.51
CA SER A 112 -2.57 -12.75 -20.39
C SER A 112 -1.94 -13.21 -21.71
N ASN A 113 -2.11 -12.43 -22.77
CA ASN A 113 -1.43 -12.73 -24.03
C ASN A 113 0.02 -12.27 -24.07
N CYS A 114 0.40 -11.36 -23.19
CA CYS A 114 1.70 -10.73 -23.30
C CYS A 114 2.79 -11.46 -22.52
N PRO A 115 3.92 -11.75 -23.18
CA PRO A 115 5.09 -12.34 -22.49
C PRO A 115 5.45 -11.48 -21.28
N GLY A 116 5.68 -12.14 -20.14
CA GLY A 116 5.91 -11.42 -18.88
C GLY A 116 4.61 -10.95 -18.23
N GLY A 117 3.49 -11.12 -18.94
CA GLY A 117 2.19 -10.73 -18.41
C GLY A 117 1.83 -11.43 -17.12
N VAL A 118 0.72 -11.00 -16.51
CA VAL A 118 0.29 -11.56 -15.24
C VAL A 118 -1.22 -11.77 -15.28
N ARG A 119 -1.69 -12.81 -14.61
CA ARG A 119 -3.13 -13.04 -14.52
C ARG A 119 -3.76 -12.05 -13.53
N ILE A 120 -4.67 -11.22 -14.03
CA ILE A 120 -5.40 -10.25 -13.22
C ILE A 120 -6.69 -10.87 -12.72
N PRO A 121 -6.98 -10.72 -11.41
CA PRO A 121 -8.21 -11.31 -10.88
C PRO A 121 -9.41 -10.75 -11.62
N PHE A 122 -10.45 -11.57 -11.80
CA PHE A 122 -11.63 -11.09 -12.50
C PHE A 122 -12.90 -11.50 -11.78
N PHE A 123 -13.78 -10.52 -11.60
CA PHE A 123 -15.05 -10.75 -10.94
C PHE A 123 -16.17 -10.50 -11.93
N LEU A 124 -17.21 -11.31 -11.84
CA LEU A 124 -18.32 -11.26 -12.81
C LEU A 124 -19.55 -10.74 -12.11
N GLY A 125 -20.32 -9.89 -12.78
CA GLY A 125 -21.60 -9.43 -12.25
C GLY A 125 -21.85 -7.93 -12.12
N ARG A 126 -21.01 -7.09 -12.71
CA ARG A 126 -21.27 -5.65 -12.71
C ARG A 126 -22.59 -5.38 -13.41
N PRO A 127 -23.46 -4.57 -12.78
CA PRO A 127 -24.72 -4.16 -13.43
C PRO A 127 -24.47 -3.29 -14.67
N ASP A 128 -25.49 -3.09 -15.51
CA ASP A 128 -25.37 -2.17 -16.64
C ASP A 128 -25.08 -0.76 -16.12
N ALA A 129 -24.43 0.07 -16.93
CA ALA A 129 -24.11 1.43 -16.49
C ALA A 129 -25.40 2.22 -16.21
N VAL A 130 -25.35 3.11 -15.22
CA VAL A 130 -26.52 3.90 -14.84
C VAL A 130 -26.49 5.30 -15.46
N ALA A 131 -25.30 5.88 -15.55
CA ALA A 131 -25.15 7.26 -16.00
C ALA A 131 -23.76 7.46 -16.59
N ALA A 132 -23.62 8.45 -17.47
CA ALA A 132 -22.33 8.76 -18.08
C ALA A 132 -21.42 9.26 -16.98
N SER A 133 -20.12 9.05 -17.15
CA SER A 133 -19.16 9.63 -16.22
C SER A 133 -19.18 11.14 -16.39
N PRO A 134 -19.00 11.87 -15.29
CA PRO A 134 -18.65 13.28 -15.41
C PRO A 134 -17.36 13.45 -16.20
N ASP A 135 -17.20 14.59 -16.86
CA ASP A 135 -15.93 14.96 -17.48
C ASP A 135 -14.93 15.30 -16.39
N HIS A 136 -13.67 15.51 -16.78
CA HIS A 136 -12.59 15.97 -15.89
C HIS A 136 -12.15 14.97 -14.81
N LEU A 137 -12.35 13.68 -15.05
CA LEU A 137 -11.93 12.67 -14.10
C LEU A 137 -10.73 11.85 -14.59
N VAL A 138 -10.40 11.97 -15.87
CA VAL A 138 -9.28 11.19 -16.42
C VAL A 138 -8.00 12.03 -16.48
N PRO A 139 -6.94 11.58 -15.78
CA PRO A 139 -5.67 12.33 -15.74
C PRO A 139 -5.08 12.49 -17.14
N GLU A 140 -4.46 13.63 -17.42
CA GLU A 140 -3.88 13.86 -18.75
C GLU A 140 -2.36 13.99 -18.63
N PRO A 141 -1.62 13.65 -19.71
CA PRO A 141 -0.16 13.56 -19.61
C PRO A 141 0.52 14.89 -19.39
N PHE A 142 -0.21 15.99 -19.51
CA PHE A 142 0.34 17.31 -19.24
C PHE A 142 -0.04 17.83 -17.85
N ASP A 143 -0.79 17.05 -17.10
CA ASP A 143 -1.13 17.42 -15.72
C ASP A 143 0.11 17.35 -14.83
N SER A 144 0.16 18.19 -13.80
CA SER A 144 1.27 18.14 -12.86
C SER A 144 1.21 16.85 -12.04
N VAL A 145 2.34 16.42 -11.49
CA VAL A 145 2.36 15.27 -10.59
C VAL A 145 1.34 15.41 -9.45
N ASP A 146 1.29 16.59 -8.82
CA ASP A 146 0.33 16.79 -7.75
C ASP A 146 -1.12 16.64 -8.22
N SER A 147 -1.43 17.17 -9.40
CA SER A 147 -2.77 17.06 -9.95
C SER A 147 -3.12 15.59 -10.24
N ILE A 148 -2.19 14.87 -10.84
CA ILE A 148 -2.38 13.47 -11.16
C ILE A 148 -2.54 12.64 -9.90
N LEU A 149 -1.64 12.82 -8.94
CA LEU A 149 -1.72 12.06 -7.69
C LEU A 149 -2.97 12.40 -6.86
N ALA A 150 -3.42 13.66 -6.92
CA ALA A 150 -4.66 14.03 -6.22
C ALA A 150 -5.87 13.37 -6.86
N ARG A 151 -5.91 13.35 -8.18
CA ARG A 151 -7.03 12.74 -8.90
C ARG A 151 -7.04 11.23 -8.67
N MET A 152 -5.89 10.58 -8.81
CA MET A 152 -5.82 9.15 -8.57
C MET A 152 -6.13 8.84 -7.10
N GLY A 153 -5.65 9.69 -6.19
CA GLY A 153 -5.90 9.49 -4.77
C GLY A 153 -7.39 9.63 -4.43
N ASP A 154 -8.03 10.59 -5.07
CA ASP A 154 -9.48 10.79 -4.89
C ASP A 154 -10.21 9.50 -5.28
N ALA A 155 -9.73 8.85 -6.34
CA ALA A 155 -10.28 7.59 -6.83
C ALA A 155 -9.94 6.42 -5.91
N GLY A 156 -8.92 6.58 -5.08
CA GLY A 156 -8.58 5.57 -4.09
C GLY A 156 -7.19 4.97 -4.22
N PHE A 157 -6.34 5.55 -5.08
CA PHE A 157 -5.01 5.00 -5.32
C PHE A 157 -3.90 5.87 -4.74
N SER A 158 -2.94 5.21 -4.07
CA SER A 158 -1.81 5.90 -3.49
C SER A 158 -0.80 6.16 -4.59
N PRO A 159 0.18 7.03 -4.32
CA PRO A 159 1.20 7.26 -5.34
C PRO A 159 1.92 5.98 -5.73
N ALA A 160 2.22 5.12 -4.75
CA ALA A 160 2.86 3.84 -5.08
C ALA A 160 1.96 3.02 -6.02
N GLU A 161 0.65 3.04 -5.77
CA GLU A 161 -0.29 2.32 -6.64
C GLU A 161 -0.35 2.91 -8.05
N VAL A 162 -0.14 4.22 -8.17
CA VAL A 162 -0.12 4.85 -9.49
C VAL A 162 1.09 4.31 -10.27
N VAL A 163 2.22 4.20 -9.58
CA VAL A 163 3.41 3.63 -10.16
C VAL A 163 3.15 2.19 -10.63
N TRP A 164 2.54 1.39 -9.77
CA TRP A 164 2.27 -0.01 -10.10
C TRP A 164 1.34 -0.16 -11.31
N LEU A 165 0.29 0.66 -11.37
CA LEU A 165 -0.59 0.67 -12.52
C LEU A 165 0.11 1.10 -13.82
N LEU A 166 1.12 1.94 -13.68
CA LEU A 166 1.83 2.46 -14.84
C LEU A 166 2.77 1.44 -15.47
N ALA A 167 2.86 0.25 -14.87
CA ALA A 167 3.45 -0.91 -15.53
C ALA A 167 2.71 -1.16 -16.85
N SER A 168 1.44 -0.76 -16.91
CA SER A 168 0.68 -0.85 -18.17
C SER A 168 1.39 -0.17 -19.34
N HIS A 169 2.19 0.85 -19.05
CA HIS A 169 2.91 1.56 -20.11
C HIS A 169 4.09 0.77 -20.66
N SER A 170 4.35 -0.39 -20.08
CA SER A 170 5.34 -1.30 -20.65
C SER A 170 4.82 -1.98 -21.91
N ILE A 171 3.51 -1.93 -22.11
CA ILE A 171 2.91 -2.46 -23.34
C ILE A 171 1.98 -1.40 -23.92
N ALA A 172 2.57 -0.30 -24.38
CA ALA A 172 1.78 0.88 -24.69
C ALA A 172 2.39 1.73 -25.78
N ALA A 173 1.53 2.32 -26.61
CA ALA A 173 1.96 3.26 -27.66
C ALA A 173 0.94 4.39 -27.79
N ALA A 174 1.33 5.48 -28.45
CA ALA A 174 0.46 6.65 -28.54
C ALA A 174 0.10 6.98 -29.98
N ASP A 175 -1.16 7.36 -30.21
CA ASP A 175 -1.63 7.80 -31.53
C ASP A 175 -2.00 9.28 -31.54
N LYS A 176 -2.40 9.80 -30.38
CA LYS A 176 -2.93 11.17 -30.27
C LYS A 176 -1.94 12.19 -29.71
N VAL A 177 -0.97 11.73 -28.92
CA VAL A 177 0.01 12.66 -28.34
C VAL A 177 0.71 13.40 -29.47
N ASP A 178 1.20 12.65 -30.45
CA ASP A 178 1.77 13.22 -31.67
C ASP A 178 1.08 12.57 -32.87
N PRO A 179 0.03 13.23 -33.38
CA PRO A 179 -0.84 12.73 -34.45
C PRO A 179 -0.09 12.44 -35.75
N SER A 180 1.07 13.06 -35.94
CA SER A 180 1.80 12.90 -37.20
C SER A 180 2.47 11.54 -37.27
N ILE A 181 2.87 11.01 -36.11
CA ILE A 181 3.61 9.75 -36.03
C ILE A 181 2.93 8.77 -35.06
N PRO A 182 1.80 8.20 -35.48
CA PRO A 182 1.06 7.31 -34.59
C PRO A 182 1.83 6.03 -34.29
N GLY A 183 1.62 5.45 -33.12
CA GLY A 183 2.15 4.13 -32.82
C GLY A 183 3.58 4.07 -32.30
N MET A 184 4.05 5.16 -31.70
CA MET A 184 5.35 5.10 -31.04
C MET A 184 5.16 4.72 -29.58
N PRO A 185 5.87 3.65 -29.14
CA PRO A 185 5.64 3.05 -27.83
C PRO A 185 6.33 3.81 -26.69
N PHE A 186 5.95 3.50 -25.45
CA PHE A 186 6.49 4.18 -24.28
C PHE A 186 7.73 3.46 -23.74
N ASP A 187 7.96 2.24 -24.19
CA ASP A 187 9.23 1.56 -23.95
C ASP A 187 9.65 0.77 -25.18
N SER A 188 10.88 0.27 -25.17
CA SER A 188 11.43 -0.38 -26.36
C SER A 188 10.86 -1.78 -26.58
N THR A 189 10.04 -2.26 -25.65
CA THR A 189 9.42 -3.58 -25.77
C THR A 189 7.90 -3.53 -25.59
N PRO A 190 7.18 -2.88 -26.51
CA PRO A 190 5.73 -2.70 -26.35
C PRO A 190 4.94 -4.02 -26.41
N GLY A 191 5.59 -5.09 -26.84
CA GLY A 191 4.97 -6.40 -26.88
C GLY A 191 5.41 -7.28 -25.73
N VAL A 192 6.21 -6.73 -24.81
CA VAL A 192 6.65 -7.49 -23.65
C VAL A 192 6.36 -6.70 -22.38
N PHE A 193 5.64 -7.34 -21.46
CA PHE A 193 5.30 -6.72 -20.18
C PHE A 193 6.50 -6.89 -19.24
N ASP A 194 7.36 -5.88 -19.21
CA ASP A 194 8.64 -5.97 -18.51
C ASP A 194 9.05 -4.64 -17.89
N SER A 195 10.27 -4.55 -17.40
CA SER A 195 10.66 -3.35 -16.65
C SER A 195 11.28 -2.26 -17.52
N GLN A 196 11.38 -2.50 -18.83
CA GLN A 196 12.01 -1.54 -19.73
C GLN A 196 11.38 -0.16 -19.60
N PHE A 197 10.07 -0.08 -19.41
CA PHE A 197 9.40 1.19 -19.23
C PHE A 197 9.97 1.96 -18.04
N PHE A 198 10.23 1.28 -16.94
CA PHE A 198 10.70 1.97 -15.76
C PHE A 198 12.17 2.37 -15.91
N ILE A 199 12.97 1.50 -16.53
CA ILE A 199 14.35 1.84 -16.88
C ILE A 199 14.42 3.04 -17.80
N GLU A 200 13.74 2.95 -18.95
CA GLU A 200 13.91 3.93 -20.01
C GLU A 200 13.38 5.33 -19.67
N THR A 201 12.35 5.42 -18.84
CA THR A 201 11.85 6.72 -18.40
C THR A 201 12.82 7.41 -17.44
N LEU A 202 13.77 6.65 -16.88
CA LEU A 202 14.70 7.20 -15.91
C LEU A 202 16.00 7.66 -16.57
N LEU A 203 16.12 7.38 -17.86
CA LEU A 203 17.28 7.83 -18.62
C LEU A 203 17.15 9.31 -18.93
N LYS A 204 18.29 9.99 -19.02
CA LYS A 204 18.37 11.38 -19.45
C LYS A 204 17.79 11.52 -20.86
N GLY A 205 16.85 12.44 -21.05
CA GLY A 205 16.25 12.66 -22.37
C GLY A 205 17.25 13.13 -23.41
N ARG A 206 16.99 12.82 -24.67
CA ARG A 206 17.94 13.14 -25.73
C ARG A 206 17.34 13.90 -26.91
N LEU A 207 16.10 13.56 -27.27
CA LEU A 207 15.48 14.12 -28.47
C LEU A 207 13.96 14.17 -28.35
N PHE A 208 13.34 14.96 -29.22
CA PHE A 208 11.91 14.81 -29.44
C PHE A 208 11.74 13.93 -30.67
N PRO A 209 11.00 12.83 -30.51
CA PRO A 209 10.96 11.76 -31.53
C PRO A 209 10.29 12.13 -32.85
N GLY A 210 9.53 13.21 -32.89
CA GLY A 210 8.87 13.54 -34.14
C GLY A 210 9.46 14.75 -34.81
N THR A 211 8.57 15.64 -35.25
CA THR A 211 8.97 16.91 -35.81
C THR A 211 8.51 18.03 -34.89
N ALA A 212 7.93 17.64 -33.76
CA ALA A 212 7.46 18.61 -32.76
C ALA A 212 7.37 18.05 -31.35
N ALA A 213 7.67 18.91 -30.38
CA ALA A 213 7.31 18.67 -29.00
C ALA A 213 5.81 18.92 -28.91
N ASN A 214 5.07 17.98 -28.34
CA ASN A 214 3.63 18.12 -28.29
C ASN A 214 3.22 18.31 -26.85
N LYS A 215 1.98 18.74 -26.64
CA LYS A 215 1.49 18.96 -25.30
C LYS A 215 1.45 17.62 -24.58
N GLY A 216 2.01 17.57 -23.38
CA GLY A 216 2.04 16.33 -22.62
C GLY A 216 3.23 15.43 -22.91
N GLU A 217 4.19 15.95 -23.68
CA GLU A 217 5.33 15.14 -24.11
C GLU A 217 6.63 15.66 -23.51
N ALA A 218 7.50 14.75 -23.10
CA ALA A 218 8.84 15.13 -22.63
C ALA A 218 9.87 14.61 -23.62
N GLN A 219 11.13 14.99 -23.41
CA GLN A 219 12.19 14.46 -24.25
C GLN A 219 12.31 12.96 -24.02
N SER A 220 12.53 12.23 -25.12
CA SER A 220 12.71 10.79 -25.10
C SER A 220 14.20 10.42 -25.18
N PRO A 221 14.58 9.27 -24.62
CA PRO A 221 16.00 8.92 -24.72
C PRO A 221 16.28 8.22 -26.04
N LEU A 222 15.21 7.81 -26.74
CA LEU A 222 15.35 6.98 -27.91
C LEU A 222 14.48 7.43 -29.09
N GLN A 223 15.06 7.45 -30.27
CA GLN A 223 14.27 7.77 -31.45
C GLN A 223 13.22 6.67 -31.66
N GLY A 224 12.00 7.07 -32.00
CA GLY A 224 10.93 6.11 -32.21
C GLY A 224 10.22 5.75 -30.91
N GLU A 225 10.72 6.28 -29.80
CA GLU A 225 10.08 6.10 -28.50
C GLU A 225 9.57 7.46 -28.07
N ILE A 226 8.41 7.47 -27.42
CA ILE A 226 7.82 8.72 -26.99
C ILE A 226 7.78 8.68 -25.46
N ARG A 227 8.04 9.82 -24.83
CA ARG A 227 7.97 9.88 -23.38
C ARG A 227 6.95 10.92 -22.95
N LEU A 228 5.95 10.46 -22.19
CA LEU A 228 4.93 11.35 -21.67
C LEU A 228 5.55 12.20 -20.58
N GLN A 229 5.08 13.44 -20.46
CA GLN A 229 5.59 14.33 -19.43
C GLN A 229 5.20 13.84 -18.03
N SER A 230 4.00 13.28 -17.90
CA SER A 230 3.57 12.71 -16.63
C SER A 230 4.51 11.58 -16.19
N ASP A 231 4.85 10.67 -17.10
CA ASP A 231 5.76 9.57 -16.75
C ASP A 231 7.14 10.09 -16.38
N HIS A 232 7.61 11.06 -17.14
CA HIS A 232 8.90 11.66 -16.89
C HIS A 232 8.95 12.24 -15.47
N LEU A 233 7.90 12.96 -15.08
CA LEU A 233 7.85 13.60 -13.78
C LEU A 233 7.62 12.60 -12.62
N LEU A 234 6.80 11.57 -12.87
CA LEU A 234 6.48 10.58 -11.84
C LEU A 234 7.69 9.72 -11.54
N ALA A 235 8.49 9.46 -12.55
CA ALA A 235 9.74 8.73 -12.38
C ALA A 235 10.67 9.47 -11.41
N ARG A 236 10.57 10.79 -11.36
CA ARG A 236 11.55 11.61 -10.66
C ARG A 236 11.01 12.30 -9.41
N ASP A 237 9.69 12.37 -9.27
CA ASP A 237 9.09 13.03 -8.12
C ASP A 237 9.39 12.28 -6.83
N PRO A 238 9.65 13.00 -5.72
CA PRO A 238 9.96 12.37 -4.43
C PRO A 238 8.82 11.49 -3.90
N GLN A 239 7.60 11.78 -4.31
CA GLN A 239 6.46 10.96 -3.87
C GLN A 239 6.48 9.58 -4.50
N THR A 240 7.17 9.45 -5.63
CA THR A 240 7.07 8.25 -6.45
C THR A 240 8.39 7.64 -6.93
N ALA A 241 9.48 8.39 -6.82
CA ALA A 241 10.75 7.98 -7.45
C ALA A 241 11.35 6.67 -6.91
N CYS A 242 11.24 6.44 -5.61
CA CYS A 242 11.82 5.23 -5.07
C CYS A 242 10.99 4.00 -5.44
N GLU A 243 9.67 4.18 -5.47
CA GLU A 243 8.79 3.11 -5.91
C GLU A 243 9.06 2.82 -7.40
N TRP A 244 9.11 3.88 -8.21
CA TRP A 244 9.42 3.75 -9.63
C TRP A 244 10.70 2.97 -9.89
N GLN A 245 11.77 3.33 -9.18
CA GLN A 245 13.06 2.70 -9.37
C GLN A 245 13.08 1.26 -8.90
N SER A 246 12.29 0.94 -7.87
CA SER A 246 12.21 -0.43 -7.37
C SER A 246 11.62 -1.43 -8.37
N MET A 247 10.86 -0.94 -9.35
CA MET A 247 10.31 -1.80 -10.39
C MET A 247 11.40 -2.30 -11.34
N VAL A 248 12.52 -1.58 -11.41
CA VAL A 248 13.59 -1.91 -12.36
C VAL A 248 14.17 -3.31 -12.10
N ASN A 249 14.21 -4.16 -13.14
CA ASN A 249 14.68 -5.54 -13.00
C ASN A 249 13.97 -6.30 -11.89
N ASN A 250 12.70 -5.98 -11.68
CA ASN A 250 11.96 -6.65 -10.62
C ASN A 250 10.65 -7.21 -11.15
N GLN A 251 10.78 -8.20 -12.03
CA GLN A 251 9.62 -8.79 -12.69
C GLN A 251 8.53 -9.31 -11.74
N PRO A 252 8.91 -10.03 -10.66
CA PRO A 252 7.87 -10.50 -9.75
C PRO A 252 7.05 -9.37 -9.13
N LYS A 253 7.69 -8.25 -8.84
CA LYS A 253 6.97 -7.16 -8.20
C LYS A 253 6.07 -6.46 -9.19
N ILE A 254 6.57 -6.26 -10.41
CA ILE A 254 5.76 -5.65 -11.47
C ILE A 254 4.47 -6.44 -11.66
N GLN A 255 4.60 -7.77 -11.77
CA GLN A 255 3.45 -8.64 -11.99
C GLN A 255 2.50 -8.63 -10.81
N ASN A 256 3.05 -8.84 -9.62
CA ASN A 256 2.27 -8.93 -8.41
C ASN A 256 1.56 -7.61 -8.07
N ARG A 257 2.26 -6.49 -8.21
CA ARG A 257 1.64 -5.21 -7.89
C ARG A 257 0.64 -4.81 -8.96
N PHE A 258 0.96 -5.09 -10.22
CA PHE A 258 0.02 -4.78 -11.30
C PHE A 258 -1.28 -5.57 -11.16
N ALA A 259 -1.18 -6.86 -10.88
CA ALA A 259 -2.38 -7.68 -10.72
C ALA A 259 -3.27 -7.19 -9.58
N ALA A 260 -2.66 -6.91 -8.43
CA ALA A 260 -3.40 -6.47 -7.25
C ALA A 260 -4.09 -5.14 -7.47
N THR A 261 -3.37 -4.20 -8.07
CA THR A 261 -3.91 -2.86 -8.26
C THR A 261 -4.90 -2.80 -9.42
N MET A 262 -4.68 -3.61 -10.45
CA MET A 262 -5.68 -3.74 -11.51
C MET A 262 -6.99 -4.30 -10.99
N SER A 263 -6.90 -5.29 -10.10
CA SER A 263 -8.11 -5.87 -9.52
C SER A 263 -8.90 -4.78 -8.79
N LYS A 264 -8.18 -3.99 -8.01
CA LYS A 264 -8.77 -2.90 -7.24
C LYS A 264 -9.39 -1.85 -8.17
N MET A 265 -8.70 -1.55 -9.26
CA MET A 265 -9.23 -0.59 -10.24
C MET A 265 -10.48 -1.13 -10.96
N ALA A 266 -10.48 -2.42 -11.30
CA ALA A 266 -11.62 -3.06 -11.94
C ALA A 266 -12.87 -3.10 -11.06
N LEU A 267 -12.69 -2.81 -9.78
CA LEU A 267 -13.80 -2.85 -8.83
C LEU A 267 -14.24 -1.46 -8.37
N LEU A 268 -13.70 -0.41 -8.99
CA LEU A 268 -14.10 0.96 -8.63
C LEU A 268 -15.60 1.12 -8.86
N GLY A 269 -16.32 1.61 -7.86
CA GLY A 269 -17.77 1.78 -7.97
C GLY A 269 -18.53 0.47 -7.75
N GLN A 270 -17.80 -0.60 -7.41
CA GLN A 270 -18.42 -1.91 -7.24
C GLN A 270 -18.14 -2.47 -5.84
N ASP A 271 -18.93 -3.48 -5.45
CA ASP A 271 -18.76 -4.18 -4.19
C ASP A 271 -18.42 -5.63 -4.51
N LYS A 272 -17.16 -6.00 -4.36
CA LYS A 272 -16.66 -7.34 -4.68
C LYS A 272 -17.47 -8.49 -4.04
N THR A 273 -18.09 -8.22 -2.89
CA THR A 273 -18.84 -9.25 -2.18
C THR A 273 -20.18 -9.55 -2.83
N LYS A 274 -20.59 -8.70 -3.77
CA LYS A 274 -21.82 -8.90 -4.53
C LYS A 274 -21.50 -9.49 -5.89
N LEU A 275 -20.22 -9.75 -6.12
CA LEU A 275 -19.78 -10.28 -7.41
C LEU A 275 -19.27 -11.71 -7.25
N ILE A 276 -18.97 -12.34 -8.38
CA ILE A 276 -18.54 -13.73 -8.38
C ILE A 276 -17.09 -13.83 -8.86
N ASP A 277 -16.24 -14.47 -8.07
CA ASP A 277 -14.83 -14.57 -8.44
C ASP A 277 -14.67 -15.57 -9.59
N CYS A 278 -14.26 -15.07 -10.75
CA CYS A 278 -14.01 -15.93 -11.89
C CYS A 278 -12.58 -15.82 -12.35
N SER A 279 -11.68 -15.47 -11.43
CA SER A 279 -10.26 -15.32 -11.74
C SER A 279 -9.65 -16.54 -12.44
N ASP A 280 -10.12 -17.73 -12.11
CA ASP A 280 -9.51 -18.94 -12.65
C ASP A 280 -9.73 -19.10 -14.16
N VAL A 281 -10.57 -18.26 -14.75
CA VAL A 281 -10.86 -18.32 -16.17
C VAL A 281 -9.73 -17.72 -17.01
N ILE A 282 -9.01 -16.76 -16.44
CA ILE A 282 -7.96 -16.05 -17.17
C ILE A 282 -6.81 -17.01 -17.45
N PRO A 283 -6.35 -17.08 -18.72
CA PRO A 283 -5.23 -17.96 -19.06
C PRO A 283 -3.90 -17.58 -18.38
N THR A 284 -3.00 -18.55 -18.24
CA THR A 284 -1.65 -18.26 -17.75
C THR A 284 -0.89 -17.60 -18.89
N PRO A 285 -0.26 -16.44 -18.61
CA PRO A 285 0.47 -15.67 -19.62
C PRO A 285 1.75 -16.37 -20.00
N PRO A 286 2.29 -16.09 -21.20
CA PRO A 286 3.59 -16.70 -21.54
C PRO A 286 4.67 -16.08 -20.65
N ALA A 287 5.77 -16.79 -20.48
CA ALA A 287 6.84 -16.32 -19.61
C ALA A 287 7.52 -15.09 -20.21
N LEU A 288 8.30 -14.41 -19.40
CA LEU A 288 9.01 -13.22 -19.87
C LEU A 288 10.01 -13.56 -20.98
N VAL A 289 10.16 -12.67 -21.95
CA VAL A 289 11.24 -12.79 -22.91
C VAL A 289 12.15 -11.57 -22.76
N GLY A 290 13.45 -11.80 -22.93
CA GLY A 290 14.42 -10.74 -22.79
C GLY A 290 14.73 -10.51 -21.32
N ALA A 291 15.66 -9.58 -21.05
CA ALA A 291 16.10 -9.32 -19.69
C ALA A 291 16.22 -7.81 -19.50
N ALA A 292 16.24 -7.36 -18.26
CA ALA A 292 16.40 -5.93 -17.99
C ALA A 292 17.75 -5.42 -18.51
N HIS A 293 17.74 -4.31 -19.24
CA HIS A 293 18.98 -3.77 -19.82
C HIS A 293 18.86 -2.27 -20.08
N LEU A 294 19.99 -1.57 -20.05
CA LEU A 294 20.04 -0.24 -20.61
C LEU A 294 20.02 -0.42 -22.13
N PRO A 295 19.40 0.51 -22.87
CA PRO A 295 19.44 0.43 -24.33
C PRO A 295 20.88 0.42 -24.83
N ALA A 296 21.11 -0.12 -26.03
CA ALA A 296 22.45 -0.11 -26.61
C ALA A 296 22.94 1.33 -26.75
N GLY A 297 24.22 1.56 -26.42
CA GLY A 297 24.80 2.90 -26.52
C GLY A 297 24.61 3.74 -25.27
N PHE A 298 24.07 3.13 -24.22
CA PHE A 298 23.86 3.84 -22.97
C PHE A 298 24.72 3.27 -21.88
N SER A 299 24.94 4.04 -20.83
CA SER A 299 25.72 3.60 -19.68
C SER A 299 24.99 4.10 -18.44
N LEU A 300 25.45 3.71 -17.27
CA LEU A 300 24.79 4.11 -16.02
C LEU A 300 24.88 5.63 -15.75
N SER A 301 25.81 6.31 -16.43
CA SER A 301 25.88 7.76 -16.37
C SER A 301 24.63 8.42 -16.95
N ASP A 302 23.93 7.71 -17.83
CA ASP A 302 22.70 8.24 -18.47
C ASP A 302 21.47 8.24 -17.58
N VAL A 303 21.60 7.59 -16.42
CA VAL A 303 20.50 7.52 -15.46
C VAL A 303 20.40 8.80 -14.66
N GLU A 304 19.18 9.29 -14.48
CA GLU A 304 18.96 10.42 -13.60
C GLU A 304 18.52 9.90 -12.25
N GLN A 305 19.48 9.78 -11.34
CA GLN A 305 19.22 9.27 -9.99
C GLN A 305 18.21 10.15 -9.24
N ALA A 306 16.99 9.65 -9.10
CA ALA A 306 15.95 10.43 -8.44
C ALA A 306 15.61 9.87 -7.07
N CYS A 307 15.88 8.58 -6.87
CA CYS A 307 15.61 7.97 -5.57
C CYS A 307 16.78 8.25 -4.62
N ALA A 308 16.49 8.87 -3.49
CA ALA A 308 17.51 9.29 -2.54
C ALA A 308 17.96 8.17 -1.60
N ALA A 309 17.06 7.21 -1.36
CA ALA A 309 17.34 6.13 -0.42
C ALA A 309 18.27 5.05 -0.98
N THR A 310 18.25 4.87 -2.30
CA THR A 310 18.90 3.74 -2.93
C THR A 310 19.36 4.11 -4.34
N PRO A 311 20.59 3.69 -4.73
CA PRO A 311 21.04 4.04 -6.07
C PRO A 311 20.44 3.11 -7.12
N PHE A 312 20.38 3.58 -8.37
CA PHE A 312 19.87 2.78 -9.48
C PHE A 312 20.66 1.48 -9.58
N PRO A 313 19.97 0.36 -9.87
CA PRO A 313 20.70 -0.91 -9.97
C PRO A 313 21.68 -0.92 -11.15
N ALA A 314 22.75 -1.70 -11.01
CA ALA A 314 23.83 -1.68 -11.99
C ALA A 314 23.55 -2.59 -13.17
N LEU A 315 22.61 -2.19 -14.03
CA LEU A 315 22.26 -2.94 -15.23
C LEU A 315 23.35 -2.81 -16.28
N THR A 316 23.44 -3.77 -17.17
CA THR A 316 24.37 -3.67 -18.28
C THR A 316 23.60 -3.28 -19.53
N ALA A 317 24.31 -2.68 -20.49
CA ALA A 317 23.68 -2.22 -21.71
C ALA A 317 23.69 -3.31 -22.76
N ASP A 318 22.68 -3.30 -23.63
CA ASP A 318 22.71 -4.15 -24.81
C ASP A 318 23.93 -3.75 -25.64
N PRO A 319 24.50 -4.69 -26.40
CA PRO A 319 25.70 -4.41 -27.20
C PRO A 319 25.39 -3.57 -28.45
N GLY A 320 26.38 -2.81 -28.93
CA GLY A 320 26.24 -2.09 -30.18
C GLY A 320 25.89 -0.61 -30.04
N PRO A 321 25.81 0.09 -31.17
CA PRO A 321 25.50 1.53 -31.19
C PRO A 321 24.05 1.80 -30.82
N VAL A 322 23.75 3.03 -30.40
CA VAL A 322 22.38 3.41 -30.05
C VAL A 322 21.48 3.20 -31.26
N THR A 323 20.34 2.53 -31.06
CA THR A 323 19.40 2.26 -32.14
C THR A 323 18.03 2.87 -31.83
N SER A 324 17.21 3.03 -32.87
CA SER A 324 15.87 3.56 -32.70
C SER A 324 14.88 2.47 -32.33
N VAL A 325 13.71 2.89 -31.84
CA VAL A 325 12.64 1.95 -31.53
C VAL A 325 11.65 1.91 -32.70
N PRO A 326 11.48 0.74 -33.31
CA PRO A 326 10.54 0.59 -34.43
C PRO A 326 9.12 0.88 -33.98
N PRO A 327 8.30 1.53 -34.83
CA PRO A 327 6.89 1.73 -34.48
C PRO A 327 6.21 0.37 -34.31
N VAL A 328 5.18 0.34 -33.49
CA VAL A 328 4.40 -0.88 -33.32
C VAL A 328 3.62 -1.12 -34.62
N PRO A 329 3.58 -2.38 -35.12
CA PRO A 329 2.89 -2.76 -36.37
C PRO A 329 1.53 -2.09 -36.58
N ALA B 1 7.38 27.39 33.70
CA ALA B 1 6.19 27.64 34.51
C ALA B 1 6.08 26.58 35.60
N THR B 2 5.19 26.79 36.56
CA THR B 2 4.95 25.79 37.59
C THR B 2 3.47 25.48 37.67
N CYS B 3 3.15 24.25 38.00
CA CYS B 3 1.75 23.93 38.28
C CYS B 3 1.41 24.29 39.71
N ASP B 4 0.16 24.02 40.08
CA ASP B 4 -0.40 24.42 41.37
C ASP B 4 0.45 23.95 42.55
N ASP B 5 1.03 22.76 42.42
CA ASP B 5 1.85 22.19 43.50
C ASP B 5 3.34 22.53 43.39
N GLY B 6 3.68 23.38 42.43
CA GLY B 6 5.07 23.79 42.29
C GLY B 6 5.86 22.93 41.30
N ARG B 7 5.24 21.89 40.74
CA ARG B 7 5.94 21.10 39.72
C ARG B 7 6.19 21.93 38.46
N THR B 8 7.44 21.95 38.01
CA THR B 8 7.83 22.72 36.83
C THR B 8 7.41 22.03 35.54
N THR B 9 6.96 22.83 34.56
CA THR B 9 6.68 22.32 33.22
C THR B 9 7.14 23.37 32.22
N ALA B 10 7.43 22.95 30.98
CA ALA B 10 7.98 23.88 29.99
C ALA B 10 6.97 24.95 29.56
N ASN B 11 5.68 24.60 29.63
CA ASN B 11 4.62 25.52 29.23
C ASN B 11 3.45 25.36 30.20
N ALA B 12 3.00 26.47 30.79
CA ALA B 12 1.92 26.41 31.76
C ALA B 12 0.67 25.67 31.24
N ALA B 13 0.47 25.72 29.92
CA ALA B 13 -0.66 24.99 29.31
C ALA B 13 -0.71 23.52 29.71
N CYS B 14 0.48 22.91 29.88
CA CYS B 14 0.58 21.49 30.20
C CYS B 14 -0.02 21.09 31.55
N CYS B 15 -0.26 22.06 32.43
CA CYS B 15 -0.74 21.74 33.78
C CYS B 15 -2.12 21.06 33.81
N ILE B 16 -2.94 21.31 32.81
CA ILE B 16 -4.28 20.73 32.78
C ILE B 16 -4.25 19.23 32.54
N LEU B 17 -3.07 18.72 32.16
CA LEU B 17 -2.91 17.31 31.84
C LEU B 17 -2.82 16.43 33.09
N PHE B 18 -2.33 16.99 34.19
CA PHE B 18 -2.12 16.20 35.40
C PHE B 18 -3.38 15.62 36.04
N PRO B 19 -4.49 16.42 36.12
CA PRO B 19 -5.71 15.77 36.61
C PRO B 19 -6.18 14.70 35.62
N ILE B 20 -5.88 14.89 34.34
CA ILE B 20 -6.27 13.91 33.32
C ILE B 20 -5.46 12.64 33.52
N LEU B 21 -4.15 12.81 33.74
CA LEU B 21 -3.27 11.68 34.03
C LEU B 21 -3.80 10.84 35.20
N ASP B 22 -4.10 11.49 36.31
CA ASP B 22 -4.59 10.79 37.51
C ASP B 22 -5.87 10.03 37.24
N ASP B 23 -6.78 10.66 36.51
CA ASP B 23 -8.07 10.03 36.22
C ASP B 23 -7.88 8.79 35.36
N ILE B 24 -7.13 8.89 34.26
CA ILE B 24 -6.93 7.70 33.43
C ILE B 24 -6.11 6.62 34.12
N GLN B 25 -5.11 7.01 34.92
CA GLN B 25 -4.31 6.00 35.63
C GLN B 25 -5.18 5.13 36.55
N GLU B 26 -6.12 5.78 37.22
CA GLU B 26 -6.99 5.10 38.19
C GLU B 26 -8.18 4.42 37.52
N ASN B 27 -8.78 5.08 36.52
CA ASN B 27 -10.09 4.63 36.03
C ASN B 27 -10.10 4.14 34.59
N LEU B 28 -8.96 4.19 33.92
CA LEU B 28 -8.84 3.54 32.62
C LEU B 28 -7.81 2.41 32.71
N PHE B 29 -6.69 2.67 33.39
CA PHE B 29 -5.58 1.71 33.40
C PHE B 29 -5.48 0.88 34.68
N ASP B 30 -6.54 0.90 35.49
CA ASP B 30 -6.65 0.05 36.69
C ASP B 30 -5.52 0.27 37.71
N GLY B 31 -5.26 1.53 38.07
CA GLY B 31 -4.20 1.83 39.01
C GLY B 31 -2.80 1.81 38.40
N ALA B 32 -2.68 2.41 37.22
CA ALA B 32 -1.40 2.51 36.52
C ALA B 32 -0.75 1.17 36.17
N GLN B 33 -1.58 0.19 35.80
CA GLN B 33 -1.05 -1.08 35.32
C GLN B 33 -0.83 -1.07 33.82
N CYS B 34 0.01 -1.98 33.36
CA CYS B 34 0.26 -2.19 31.95
C CYS B 34 -0.56 -3.39 31.53
N GLY B 35 -1.88 -3.21 31.47
CA GLY B 35 -2.77 -4.32 31.19
C GLY B 35 -3.55 -4.13 29.91
N GLU B 36 -4.72 -4.75 29.84
CA GLU B 36 -5.50 -4.79 28.61
C GLU B 36 -5.78 -3.40 28.05
N LYS B 37 -6.16 -2.47 28.93
CA LYS B 37 -6.54 -1.13 28.49
C LYS B 37 -5.34 -0.35 27.93
N VAL B 38 -4.15 -0.64 28.44
CA VAL B 38 -2.97 0.02 27.91
C VAL B 38 -2.70 -0.49 26.50
N ARG B 39 -2.69 -1.80 26.32
CA ARG B 39 -2.46 -2.38 24.99
C ARG B 39 -3.48 -1.88 23.97
N GLU B 40 -4.74 -1.82 24.36
CA GLU B 40 -5.78 -1.35 23.44
C GLU B 40 -5.68 0.15 23.18
N SER B 41 -5.19 0.89 24.17
CA SER B 41 -4.99 2.32 23.99
C SER B 41 -3.83 2.57 23.04
N LEU B 42 -2.76 1.78 23.19
CA LEU B 42 -1.63 1.87 22.28
C LEU B 42 -2.07 1.50 20.87
N ARG B 43 -2.85 0.43 20.75
CA ARG B 43 -3.40 0.01 19.46
C ARG B 43 -4.20 1.15 18.83
N LEU B 44 -4.96 1.86 19.66
CA LEU B 44 -5.81 2.93 19.16
C LEU B 44 -5.03 4.13 18.58
N THR B 45 -3.86 4.45 19.15
CA THR B 45 -3.08 5.58 18.64
C THR B 45 -2.76 5.36 17.16
N PHE B 46 -2.55 4.10 16.80
CA PHE B 46 -2.25 3.71 15.44
C PHE B 46 -3.50 3.78 14.56
N HIS B 47 -4.61 3.21 15.04
CA HIS B 47 -5.81 3.20 14.22
C HIS B 47 -6.38 4.60 14.00
N ASP B 48 -6.11 5.52 14.93
CA ASP B 48 -6.47 6.92 14.70
C ASP B 48 -5.48 7.59 13.76
N ALA B 49 -4.19 7.44 14.06
CA ALA B 49 -3.16 8.22 13.38
C ALA B 49 -2.96 7.81 11.94
N ILE B 50 -3.03 6.51 11.66
CA ILE B 50 -2.63 6.01 10.34
C ILE B 50 -3.68 6.35 9.28
N GLY B 51 -4.82 6.86 9.73
CA GLY B 51 -5.83 7.36 8.81
C GLY B 51 -5.39 8.68 8.22
N PHE B 52 -4.26 8.66 7.51
CA PHE B 52 -3.67 9.85 6.89
C PHE B 52 -2.95 9.52 5.59
N SER B 53 -3.23 10.30 4.56
CA SER B 53 -2.49 10.26 3.30
C SER B 53 -2.57 11.62 2.64
N PRO B 54 -1.44 12.13 2.13
CA PRO B 54 -1.49 13.43 1.45
C PRO B 54 -2.49 13.44 0.26
N THR B 55 -2.67 12.31 -0.42
CA THR B 55 -3.55 12.30 -1.58
C THR B 55 -4.85 11.51 -1.41
N LEU B 56 -4.83 10.51 -0.54
CA LEU B 56 -6.03 9.72 -0.29
C LEU B 56 -6.94 10.41 0.70
N GLY B 57 -6.38 11.32 1.50
CA GLY B 57 -7.17 12.04 2.50
C GLY B 57 -7.03 11.49 3.91
N GLY B 58 -7.81 12.04 4.84
CA GLY B 58 -7.71 11.66 6.25
C GLY B 58 -6.87 12.62 7.06
N GLY B 59 -7.32 12.93 8.27
CA GLY B 59 -6.66 13.92 9.10
C GLY B 59 -5.64 13.36 10.08
N GLY B 60 -5.33 12.07 9.96
CA GLY B 60 -4.29 11.47 10.78
C GLY B 60 -4.64 11.40 12.25
N ALA B 61 -3.69 11.82 13.10
CA ALA B 61 -3.89 11.76 14.54
C ALA B 61 -4.80 12.92 14.95
N ASP B 62 -6.09 12.75 14.69
CA ASP B 62 -7.03 13.85 14.82
C ASP B 62 -8.27 13.48 15.64
N GLY B 63 -8.26 12.27 16.21
CA GLY B 63 -9.36 11.80 17.01
C GLY B 63 -10.60 11.39 16.22
N SER B 64 -10.44 11.30 14.89
CA SER B 64 -11.57 10.98 14.03
C SER B 64 -12.19 9.64 14.37
N ILE B 65 -11.37 8.69 14.81
CA ILE B 65 -11.88 7.35 15.16
C ILE B 65 -12.86 7.41 16.33
N ILE B 66 -12.75 8.45 17.14
CA ILE B 66 -13.71 8.71 18.22
C ILE B 66 -14.87 9.61 17.73
N ALA B 67 -14.53 10.72 17.09
CA ALA B 67 -15.52 11.72 16.66
C ALA B 67 -16.43 11.21 15.55
N PHE B 68 -15.93 10.28 14.75
CA PHE B 68 -16.71 9.69 13.65
C PHE B 68 -16.71 8.18 13.81
N ASP B 69 -16.89 7.72 15.05
CA ASP B 69 -16.78 6.30 15.39
C ASP B 69 -17.74 5.36 14.65
N THR B 70 -18.97 5.80 14.37
CA THR B 70 -19.89 4.91 13.67
C THR B 70 -19.39 4.61 12.26
N ILE B 71 -18.69 5.57 11.66
CA ILE B 71 -18.07 5.36 10.35
C ILE B 71 -16.83 4.49 10.51
N GLU B 72 -15.89 4.95 11.32
CA GLU B 72 -14.58 4.29 11.41
C GLU B 72 -14.57 2.91 12.07
N THR B 73 -15.33 2.71 13.14
CA THR B 73 -15.26 1.40 13.82
C THR B 73 -15.95 0.32 12.99
N ASN B 74 -16.63 0.72 11.92
CA ASN B 74 -17.22 -0.25 11.02
C ASN B 74 -16.39 -0.63 9.80
N PHE B 75 -15.26 0.05 9.58
CA PHE B 75 -14.28 -0.41 8.59
C PHE B 75 -13.79 -1.80 9.03
N PRO B 76 -13.66 -2.74 8.07
CA PRO B 76 -13.17 -4.09 8.37
C PRO B 76 -11.87 -4.11 9.15
N ALA B 77 -10.93 -3.24 8.79
CA ALA B 77 -9.63 -3.21 9.45
C ALA B 77 -9.66 -2.74 10.90
N ASN B 78 -10.76 -2.09 11.29
CA ASN B 78 -10.91 -1.58 12.66
C ASN B 78 -11.77 -2.48 13.55
N ALA B 79 -12.05 -3.69 13.07
CA ALA B 79 -12.84 -4.63 13.85
C ALA B 79 -12.25 -4.83 15.24
N GLY B 80 -13.08 -4.70 16.27
CA GLY B 80 -12.64 -4.86 17.64
C GLY B 80 -12.26 -3.57 18.35
N ILE B 81 -12.07 -2.49 17.59
CA ILE B 81 -11.56 -1.25 18.17
C ILE B 81 -12.67 -0.45 18.86
N ASP B 82 -13.92 -0.82 18.60
CA ASP B 82 -15.07 -0.12 19.18
C ASP B 82 -15.04 -0.11 20.70
N GLU B 83 -14.58 -1.20 21.31
CA GLU B 83 -14.57 -1.28 22.77
C GLU B 83 -13.65 -0.25 23.44
N ILE B 84 -12.43 -0.07 22.91
CA ILE B 84 -11.54 0.94 23.48
C ILE B 84 -12.01 2.37 23.16
N VAL B 85 -12.60 2.56 21.98
CA VAL B 85 -13.18 3.86 21.66
C VAL B 85 -14.27 4.19 22.69
N SER B 86 -15.12 3.23 23.02
CA SER B 86 -16.21 3.50 23.96
C SER B 86 -15.71 3.76 25.37
N ALA B 87 -14.59 3.13 25.73
CA ALA B 87 -14.02 3.35 27.05
C ALA B 87 -13.39 4.74 27.15
N GLN B 88 -12.82 5.22 26.05
CA GLN B 88 -12.18 6.54 26.06
C GLN B 88 -13.15 7.70 25.89
N LYS B 89 -14.27 7.45 25.20
CA LYS B 89 -15.23 8.52 24.95
C LYS B 89 -15.63 9.38 26.17
N PRO B 90 -15.95 8.75 27.33
CA PRO B 90 -16.34 9.53 28.52
C PRO B 90 -15.25 10.43 29.05
N PHE B 91 -14.00 10.00 28.93
CA PHE B 91 -12.89 10.82 29.39
C PHE B 91 -12.77 12.07 28.54
N VAL B 92 -12.93 11.91 27.22
CA VAL B 92 -12.80 13.02 26.29
C VAL B 92 -13.89 14.03 26.62
N ALA B 93 -15.11 13.51 26.79
CA ALA B 93 -16.25 14.35 27.14
C ALA B 93 -16.03 15.08 28.47
N LYS B 94 -15.46 14.37 29.44
CA LYS B 94 -15.27 14.91 30.79
C LYS B 94 -14.15 15.95 30.86
N HIS B 95 -13.04 15.69 30.17
CA HIS B 95 -11.91 16.60 30.27
C HIS B 95 -11.90 17.58 29.12
N ASN B 96 -11.00 18.55 29.19
CA ASN B 96 -11.05 19.71 28.33
C ASN B 96 -10.02 19.65 27.18
N ILE B 97 -9.76 18.46 26.65
CA ILE B 97 -8.85 18.35 25.51
C ILE B 97 -9.50 17.59 24.36
N SER B 98 -8.93 17.72 23.17
CA SER B 98 -9.55 17.14 21.99
C SER B 98 -9.42 15.63 22.01
N ALA B 99 -10.27 14.95 21.25
CA ALA B 99 -10.18 13.50 21.15
C ALA B 99 -8.84 13.08 20.59
N GLY B 100 -8.30 13.89 19.67
CA GLY B 100 -7.00 13.63 19.09
C GLY B 100 -5.90 13.69 20.14
N ASP B 101 -5.91 14.73 20.96
CA ASP B 101 -4.94 14.84 22.03
C ASP B 101 -5.10 13.67 23.01
N PHE B 102 -6.35 13.36 23.39
CA PHE B 102 -6.56 12.33 24.39
C PHE B 102 -6.06 10.96 23.95
N ILE B 103 -6.28 10.62 22.70
CA ILE B 103 -5.85 9.31 22.21
C ILE B 103 -4.35 9.16 22.37
N GLN B 104 -3.58 10.16 21.95
CA GLN B 104 -2.13 10.04 22.02
C GLN B 104 -1.63 10.16 23.46
N PHE B 105 -2.30 10.99 24.26
CA PHE B 105 -1.97 11.10 25.66
C PHE B 105 -2.16 9.79 26.41
N ALA B 106 -3.32 9.16 26.22
CA ALA B 106 -3.62 7.89 26.87
C ALA B 106 -2.60 6.81 26.50
N GLY B 107 -2.22 6.78 25.22
CA GLY B 107 -1.25 5.82 24.72
C GLY B 107 0.15 6.06 25.29
N ALA B 108 0.54 7.32 25.41
CA ALA B 108 1.85 7.64 25.99
C ALA B 108 1.88 7.33 27.49
N VAL B 109 0.84 7.75 28.19
CA VAL B 109 0.70 7.42 29.61
C VAL B 109 0.70 5.91 29.78
N GLY B 110 -0.04 5.21 28.91
CA GLY B 110 -0.17 3.78 29.02
C GLY B 110 1.17 3.07 28.93
N VAL B 111 1.94 3.45 27.90
CA VAL B 111 3.26 2.86 27.70
C VAL B 111 4.17 3.11 28.89
N SER B 112 3.97 4.24 29.57
CA SER B 112 4.81 4.58 30.73
C SER B 112 4.51 3.67 31.92
N ASN B 113 3.44 2.90 31.85
CA ASN B 113 3.14 1.91 32.90
C ASN B 113 3.84 0.57 32.70
N CYS B 114 4.51 0.40 31.55
CA CYS B 114 5.04 -0.91 31.17
C CYS B 114 6.54 -1.03 31.42
N PRO B 115 6.95 -2.10 32.13
CA PRO B 115 8.38 -2.39 32.31
C PRO B 115 9.12 -2.41 30.97
N GLY B 116 10.24 -1.69 30.88
CA GLY B 116 10.97 -1.57 29.64
C GLY B 116 10.45 -0.47 28.72
N GLY B 117 9.32 0.15 29.10
CA GLY B 117 8.71 1.18 28.29
C GLY B 117 9.55 2.44 28.15
N VAL B 118 9.09 3.37 27.32
CA VAL B 118 9.84 4.60 27.07
C VAL B 118 8.91 5.79 27.12
N ARG B 119 9.40 6.92 27.63
CA ARG B 119 8.62 8.15 27.58
C ARG B 119 8.51 8.63 26.15
N ILE B 120 7.27 8.64 25.64
CA ILE B 120 6.97 9.12 24.29
C ILE B 120 6.72 10.62 24.35
N PRO B 121 7.31 11.38 23.42
CA PRO B 121 7.04 12.82 23.40
C PRO B 121 5.55 13.03 23.24
N PHE B 122 5.02 14.08 23.86
CA PHE B 122 3.59 14.37 23.74
C PHE B 122 3.35 15.84 23.49
N PHE B 123 2.55 16.13 22.47
CA PHE B 123 2.20 17.51 22.13
C PHE B 123 0.71 17.77 22.35
N LEU B 124 0.39 18.97 22.82
CA LEU B 124 -0.99 19.33 23.13
C LEU B 124 -1.52 20.38 22.14
N GLY B 125 -2.79 20.28 21.77
CA GLY B 125 -3.43 21.29 20.94
C GLY B 125 -4.02 20.87 19.60
N ARG B 126 -4.09 19.58 19.30
CA ARG B 126 -4.74 19.11 18.08
C ARG B 126 -6.19 19.57 18.07
N PRO B 127 -6.67 20.11 16.93
CA PRO B 127 -8.07 20.55 16.86
C PRO B 127 -9.01 19.35 16.89
N ASP B 128 -10.30 19.60 17.08
CA ASP B 128 -11.29 18.54 16.96
C ASP B 128 -11.25 18.02 15.53
N ALA B 129 -11.61 16.75 15.36
CA ALA B 129 -11.63 16.12 14.04
C ALA B 129 -12.50 16.88 13.06
N VAL B 130 -12.04 17.00 11.82
CA VAL B 130 -12.75 17.71 10.77
C VAL B 130 -13.66 16.75 10.00
N ALA B 131 -13.13 15.59 9.67
CA ALA B 131 -13.86 14.63 8.86
C ALA B 131 -13.43 13.20 9.20
N ALA B 132 -14.28 12.23 8.87
CA ALA B 132 -13.94 10.82 9.08
C ALA B 132 -12.80 10.42 8.16
N SER B 133 -11.96 9.49 8.62
CA SER B 133 -10.94 8.94 7.75
C SER B 133 -11.58 8.20 6.59
N PRO B 134 -10.90 8.22 5.43
CA PRO B 134 -11.33 7.29 4.37
C PRO B 134 -11.11 5.85 4.86
N ASP B 135 -11.85 4.91 4.29
CA ASP B 135 -11.61 3.50 4.55
C ASP B 135 -10.29 3.10 3.88
N HIS B 136 -9.81 1.90 4.21
CA HIS B 136 -8.62 1.31 3.56
C HIS B 136 -7.31 2.06 3.78
N LEU B 137 -7.13 2.60 4.98
CA LEU B 137 -5.86 3.25 5.34
C LEU B 137 -5.14 2.49 6.46
N VAL B 138 -5.84 1.54 7.09
CA VAL B 138 -5.22 0.74 8.14
C VAL B 138 -4.72 -0.58 7.55
N PRO B 139 -3.43 -0.88 7.72
CA PRO B 139 -2.86 -2.15 7.26
C PRO B 139 -3.49 -3.35 7.99
N GLU B 140 -3.70 -4.45 7.27
CA GLU B 140 -4.23 -5.68 7.85
C GLU B 140 -3.17 -6.79 7.85
N PRO B 141 -3.26 -7.75 8.78
CA PRO B 141 -2.21 -8.75 8.96
C PRO B 141 -2.02 -9.69 7.77
N PHE B 142 -3.01 -9.74 6.87
CA PHE B 142 -2.90 -10.58 5.68
C PHE B 142 -2.45 -9.82 4.43
N ASP B 143 -2.14 -8.54 4.61
CA ASP B 143 -1.60 -7.74 3.51
C ASP B 143 -0.15 -8.11 3.22
N SER B 144 0.24 -7.98 1.95
CA SER B 144 1.62 -8.29 1.57
C SER B 144 2.55 -7.26 2.14
N VAL B 145 3.84 -7.60 2.24
CA VAL B 145 4.84 -6.66 2.70
C VAL B 145 4.87 -5.41 1.83
N ASP B 146 4.78 -5.59 0.51
CA ASP B 146 4.80 -4.43 -0.38
C ASP B 146 3.61 -3.51 -0.12
N SER B 147 2.44 -4.09 0.12
CA SER B 147 1.24 -3.29 0.41
C SER B 147 1.39 -2.53 1.73
N ILE B 148 1.95 -3.19 2.74
CA ILE B 148 2.09 -2.57 4.06
C ILE B 148 3.10 -1.43 4.00
N LEU B 149 4.24 -1.68 3.37
CA LEU B 149 5.32 -0.69 3.30
C LEU B 149 4.92 0.50 2.46
N ALA B 150 4.16 0.26 1.40
CA ALA B 150 3.65 1.36 0.57
C ALA B 150 2.65 2.21 1.35
N ARG B 151 1.80 1.55 2.14
CA ARG B 151 0.80 2.26 2.94
C ARG B 151 1.46 3.08 4.04
N MET B 152 2.37 2.45 4.80
CA MET B 152 3.09 3.15 5.87
C MET B 152 3.97 4.24 5.27
N GLY B 153 4.54 3.96 4.10
CA GLY B 153 5.39 4.91 3.39
C GLY B 153 4.58 6.11 2.93
N ASP B 154 3.34 5.86 2.53
CA ASP B 154 2.43 6.91 2.12
C ASP B 154 2.08 7.81 3.32
N ALA B 155 1.85 7.20 4.47
CA ALA B 155 1.58 7.97 5.69
C ALA B 155 2.80 8.76 6.13
N GLY B 156 3.99 8.28 5.78
CA GLY B 156 5.21 9.01 6.06
C GLY B 156 6.39 8.22 6.60
N PHE B 157 6.23 6.91 6.74
CA PHE B 157 7.27 6.06 7.36
C PHE B 157 8.17 5.25 6.42
N SER B 158 9.46 5.25 6.69
CA SER B 158 10.37 4.37 5.98
C SER B 158 10.16 2.93 6.48
N PRO B 159 10.67 1.92 5.74
CA PRO B 159 10.51 0.55 6.22
C PRO B 159 11.17 0.33 7.59
N ALA B 160 12.29 0.99 7.85
CA ALA B 160 12.94 0.90 9.16
C ALA B 160 12.01 1.42 10.24
N GLU B 161 11.36 2.54 9.97
CA GLU B 161 10.42 3.11 10.92
C GLU B 161 9.23 2.17 11.19
N VAL B 162 8.84 1.39 10.20
CA VAL B 162 7.77 0.41 10.38
C VAL B 162 8.21 -0.65 11.39
N VAL B 163 9.43 -1.15 11.23
CA VAL B 163 10.01 -2.09 12.17
C VAL B 163 10.01 -1.52 13.59
N TRP B 164 10.44 -0.27 13.71
CA TRP B 164 10.52 0.39 15.02
C TRP B 164 9.15 0.51 15.71
N LEU B 165 8.14 0.94 14.95
CA LEU B 165 6.77 1.04 15.46
C LEU B 165 6.23 -0.30 15.92
N LEU B 166 6.66 -1.37 15.27
CA LEU B 166 6.15 -2.71 15.57
C LEU B 166 6.69 -3.27 16.87
N ALA B 167 7.56 -2.53 17.54
CA ALA B 167 7.94 -2.90 18.91
C ALA B 167 6.71 -2.87 19.82
N SER B 168 5.66 -2.16 19.38
CA SER B 168 4.39 -2.17 20.09
C SER B 168 3.86 -3.59 20.28
N HIS B 169 4.15 -4.47 19.33
CA HIS B 169 3.68 -5.85 19.42
C HIS B 169 4.39 -6.65 20.51
N SER B 170 5.33 -6.01 21.20
CA SER B 170 5.96 -6.65 22.35
C SER B 170 5.05 -6.59 23.58
N ILE B 171 3.99 -5.81 23.47
CA ILE B 171 2.95 -5.75 24.51
C ILE B 171 1.58 -5.87 23.85
N ALA B 172 1.29 -7.07 23.35
CA ALA B 172 0.17 -7.25 22.43
C ALA B 172 -0.40 -8.65 22.47
N ALA B 173 -1.72 -8.74 22.32
CA ALA B 173 -2.39 -10.03 22.19
C ALA B 173 -3.55 -9.91 21.20
N ALA B 174 -4.06 -11.05 20.75
CA ALA B 174 -5.28 -11.08 19.95
C ALA B 174 -6.25 -12.14 20.47
N GLY B 183 -6.97 -14.58 23.65
CA GLY B 183 -6.04 -13.87 24.50
C GLY B 183 -4.64 -14.43 24.40
N MET B 184 -4.18 -14.67 23.18
CA MET B 184 -2.82 -15.16 22.98
C MET B 184 -1.93 -14.00 22.58
N PRO B 185 -0.77 -13.88 23.24
CA PRO B 185 0.12 -12.74 23.00
C PRO B 185 1.02 -12.95 21.78
N PHE B 186 1.63 -11.87 21.29
CA PHE B 186 2.52 -11.94 20.13
C PHE B 186 3.95 -12.24 20.56
N ASP B 187 4.22 -12.13 21.85
CA ASP B 187 5.46 -12.66 22.41
C ASP B 187 5.26 -13.20 23.82
N SER B 188 6.27 -13.86 24.36
CA SER B 188 6.12 -14.55 25.64
C SER B 188 6.07 -13.58 26.83
N THR B 189 6.20 -12.28 26.55
CA THR B 189 6.19 -11.28 27.62
C THR B 189 5.31 -10.09 27.26
N PRO B 190 3.98 -10.30 27.21
CA PRO B 190 3.02 -9.27 26.77
C PRO B 190 2.89 -8.15 27.79
N GLY B 191 3.46 -8.35 28.98
CA GLY B 191 3.47 -7.30 29.99
C GLY B 191 4.79 -6.55 30.04
N VAL B 192 5.73 -6.89 29.16
CA VAL B 192 7.05 -6.25 29.16
C VAL B 192 7.43 -5.74 27.77
N PHE B 193 7.78 -4.46 27.69
CA PHE B 193 8.18 -3.84 26.44
C PHE B 193 9.64 -4.18 26.20
N ASP B 194 9.89 -5.24 25.44
CA ASP B 194 11.23 -5.79 25.31
C ASP B 194 11.45 -6.40 23.94
N SER B 195 12.64 -6.96 23.70
CA SER B 195 13.00 -7.48 22.39
C SER B 195 12.42 -8.87 22.05
N GLN B 196 11.74 -9.52 22.98
CA GLN B 196 11.29 -10.89 22.72
C GLN B 196 10.43 -11.01 21.46
N PHE B 197 9.63 -9.99 21.17
CA PHE B 197 8.83 -9.98 19.96
C PHE B 197 9.70 -10.20 18.73
N PHE B 198 10.81 -9.46 18.65
CA PHE B 198 11.67 -9.54 17.47
C PHE B 198 12.38 -10.89 17.37
N ILE B 199 12.75 -11.44 18.52
CA ILE B 199 13.38 -12.75 18.56
C ILE B 199 12.39 -13.85 18.16
N GLU B 200 11.25 -13.89 18.85
CA GLU B 200 10.37 -15.04 18.73
C GLU B 200 9.66 -15.12 17.39
N THR B 201 9.50 -13.97 16.73
CA THR B 201 8.93 -13.96 15.37
C THR B 201 9.91 -14.52 14.34
N LEU B 202 11.20 -14.56 14.69
CA LEU B 202 12.20 -15.10 13.77
C LEU B 202 12.43 -16.60 13.94
N LEU B 203 11.88 -17.17 15.01
CA LEU B 203 11.96 -18.61 15.22
C LEU B 203 11.19 -19.33 14.12
N LYS B 204 11.66 -20.51 13.74
CA LYS B 204 10.93 -21.36 12.80
C LYS B 204 9.61 -21.77 13.44
N GLY B 205 8.53 -21.61 12.69
CA GLY B 205 7.21 -22.06 13.14
C GLY B 205 7.25 -23.54 13.43
N ARG B 206 6.41 -23.97 14.36
CA ARG B 206 6.27 -25.40 14.68
C ARG B 206 4.79 -25.78 14.69
N LEU B 207 3.91 -24.79 14.70
CA LEU B 207 2.49 -25.03 14.89
C LEU B 207 1.62 -23.81 14.57
N ASN B 214 -5.56 -19.50 10.25
CA ASN B 214 -6.44 -18.35 10.08
C ASN B 214 -5.91 -17.35 9.05
N LYS B 215 -6.81 -16.52 8.56
CA LYS B 215 -6.44 -15.42 7.68
C LYS B 215 -5.59 -14.41 8.45
N GLY B 216 -4.39 -14.14 7.97
CA GLY B 216 -3.54 -13.17 8.62
C GLY B 216 -2.70 -13.77 9.72
N GLU B 217 -2.72 -15.10 9.82
CA GLU B 217 -2.00 -15.82 10.86
C GLU B 217 -0.88 -16.67 10.28
N ALA B 218 0.28 -16.67 10.92
CA ALA B 218 1.38 -17.55 10.53
C ALA B 218 1.54 -18.68 11.53
N GLN B 219 2.40 -19.64 11.21
CA GLN B 219 2.73 -20.68 12.18
C GLN B 219 3.55 -20.07 13.31
N SER B 220 3.22 -20.41 14.54
CA SER B 220 3.91 -19.89 15.71
C SER B 220 4.89 -20.92 16.27
N PRO B 221 5.98 -20.45 16.90
CA PRO B 221 6.98 -21.39 17.40
C PRO B 221 6.62 -21.93 18.79
N LEU B 222 5.68 -21.29 19.47
CA LEU B 222 5.36 -21.60 20.87
C LEU B 222 3.87 -21.81 21.08
N GLN B 223 3.54 -22.88 21.80
CA GLN B 223 2.16 -23.09 22.22
C GLN B 223 1.73 -21.90 23.06
N GLY B 224 0.56 -21.35 22.78
CA GLY B 224 0.04 -20.22 23.52
C GLY B 224 0.36 -18.86 22.90
N GLU B 225 1.26 -18.86 21.92
CA GLU B 225 1.66 -17.61 21.23
C GLU B 225 1.07 -17.52 19.83
N ILE B 226 0.57 -16.34 19.47
CA ILE B 226 0.06 -16.08 18.12
C ILE B 226 1.12 -15.33 17.32
N ARG B 227 1.29 -15.70 16.06
CA ARG B 227 2.13 -14.89 15.16
C ARG B 227 1.29 -14.37 13.99
N LEU B 228 1.38 -13.07 13.73
CA LEU B 228 0.71 -12.51 12.56
C LEU B 228 1.51 -12.82 11.30
N GLN B 229 0.82 -12.97 10.18
CA GLN B 229 1.50 -13.21 8.90
C GLN B 229 2.32 -11.98 8.52
N SER B 230 1.77 -10.79 8.74
CA SER B 230 2.52 -9.55 8.51
C SER B 230 3.84 -9.51 9.28
N ASP B 231 3.79 -9.83 10.57
CA ASP B 231 4.99 -9.81 11.38
C ASP B 231 5.99 -10.89 10.91
N HIS B 232 5.46 -12.09 10.63
CA HIS B 232 6.27 -13.18 10.09
C HIS B 232 7.01 -12.74 8.82
N LEU B 233 6.28 -12.07 7.93
CA LEU B 233 6.85 -11.64 6.66
C LEU B 233 7.83 -10.47 6.81
N LEU B 234 7.46 -9.48 7.61
CA LEU B 234 8.32 -8.31 7.82
C LEU B 234 9.67 -8.65 8.47
N ALA B 235 9.67 -9.69 9.31
CA ALA B 235 10.88 -10.13 9.98
C ALA B 235 11.86 -10.72 9.00
N ARG B 236 11.33 -11.22 7.88
CA ARG B 236 12.12 -11.99 6.92
C ARG B 236 12.38 -11.26 5.59
N ASP B 237 11.64 -10.20 5.34
CA ASP B 237 11.73 -9.53 4.04
C ASP B 237 13.05 -8.75 3.92
N PRO B 238 13.69 -8.81 2.75
CA PRO B 238 14.98 -8.14 2.54
C PRO B 238 14.97 -6.66 2.91
N GLN B 239 13.80 -6.03 2.86
CA GLN B 239 13.72 -4.60 3.13
C GLN B 239 13.76 -4.28 4.62
N THR B 240 13.41 -5.27 5.44
CA THR B 240 13.22 -4.98 6.86
C THR B 240 13.99 -5.93 7.77
N ALA B 241 14.49 -7.03 7.20
CA ALA B 241 15.11 -8.10 7.99
C ALA B 241 16.27 -7.64 8.86
N CYS B 242 17.10 -6.76 8.33
CA CYS B 242 18.28 -6.37 9.07
C CYS B 242 17.92 -5.44 10.20
N GLU B 243 16.97 -4.55 9.96
CA GLU B 243 16.49 -3.68 11.03
C GLU B 243 15.81 -4.49 12.13
N TRP B 244 14.97 -5.44 11.71
CA TRP B 244 14.26 -6.32 12.63
C TRP B 244 15.25 -7.04 13.54
N GLN B 245 16.27 -7.61 12.93
CA GLN B 245 17.26 -8.36 13.69
C GLN B 245 18.08 -7.44 14.61
N SER B 246 18.31 -6.21 14.16
CA SER B 246 19.09 -5.24 14.95
C SER B 246 18.41 -4.92 16.28
N MET B 247 17.10 -5.13 16.36
CA MET B 247 16.36 -4.81 17.59
C MET B 247 16.60 -5.85 18.70
N VAL B 248 17.02 -7.05 18.29
CA VAL B 248 17.25 -8.14 19.22
C VAL B 248 18.25 -7.75 20.32
N ASN B 249 17.88 -7.97 21.58
CA ASN B 249 18.73 -7.63 22.72
C ASN B 249 19.27 -6.21 22.67
N ASN B 250 18.52 -5.31 22.06
CA ASN B 250 18.97 -3.92 22.00
C ASN B 250 17.89 -3.00 22.54
N GLN B 251 17.65 -3.12 23.85
CA GLN B 251 16.66 -2.30 24.54
C GLN B 251 16.83 -0.79 24.32
N PRO B 252 18.07 -0.26 24.38
CA PRO B 252 18.20 1.18 24.13
C PRO B 252 17.70 1.60 22.75
N LYS B 253 17.95 0.80 21.73
CA LYS B 253 17.50 1.13 20.37
C LYS B 253 15.99 1.00 20.25
N ILE B 254 15.43 -0.06 20.83
CA ILE B 254 13.99 -0.24 20.84
C ILE B 254 13.31 0.97 21.45
N GLN B 255 13.77 1.36 22.64
CA GLN B 255 13.24 2.52 23.34
C GLN B 255 13.40 3.81 22.53
N ASN B 256 14.63 4.10 22.09
CA ASN B 256 14.90 5.32 21.34
C ASN B 256 14.07 5.42 20.06
N ARG B 257 14.08 4.37 19.25
CA ARG B 257 13.39 4.41 17.96
C ARG B 257 11.89 4.41 18.14
N PHE B 258 11.40 3.68 19.13
CA PHE B 258 9.96 3.62 19.35
C PHE B 258 9.44 4.99 19.76
N ALA B 259 10.14 5.62 20.71
CA ALA B 259 9.80 6.98 21.15
C ALA B 259 9.77 7.99 20.00
N ALA B 260 10.83 8.04 19.20
CA ALA B 260 10.94 9.02 18.12
C ALA B 260 9.88 8.78 17.04
N THR B 261 9.64 7.51 16.71
CA THR B 261 8.70 7.18 15.64
C THR B 261 7.24 7.28 16.11
N MET B 262 6.98 6.98 17.37
CA MET B 262 5.63 7.19 17.91
C MET B 262 5.28 8.66 17.91
N SER B 263 6.23 9.50 18.31
CA SER B 263 6.02 10.96 18.28
C SER B 263 5.65 11.39 16.87
N LYS B 264 6.38 10.88 15.89
CA LYS B 264 6.09 11.19 14.48
C LYS B 264 4.70 10.71 14.09
N MET B 265 4.36 9.49 14.48
CA MET B 265 3.04 8.95 14.19
C MET B 265 1.94 9.75 14.88
N ALA B 266 2.24 10.21 16.08
CA ALA B 266 1.29 10.99 16.87
C ALA B 266 1.03 12.35 16.23
N LEU B 267 1.89 12.76 15.29
CA LEU B 267 1.77 14.07 14.66
C LEU B 267 1.28 13.99 13.21
N LEU B 268 0.91 12.79 12.75
CA LEU B 268 0.37 12.60 11.41
C LEU B 268 -0.82 13.51 11.17
N GLY B 269 -0.80 14.23 10.05
CA GLY B 269 -1.88 15.14 9.71
C GLY B 269 -1.82 16.42 10.52
N GLN B 270 -0.83 16.50 11.41
CA GLN B 270 -0.69 17.65 12.28
C GLN B 270 0.58 18.42 11.99
N ASP B 271 0.65 19.63 12.53
CA ASP B 271 1.82 20.50 12.41
C ASP B 271 2.31 20.79 13.83
N LYS B 272 3.45 20.22 14.20
CA LYS B 272 3.94 20.36 15.57
C LYS B 272 4.33 21.80 15.92
N THR B 273 4.46 22.65 14.90
CA THR B 273 4.80 24.06 15.16
C THR B 273 3.59 24.81 15.70
N LYS B 274 2.41 24.20 15.56
CA LYS B 274 1.16 24.77 16.04
C LYS B 274 0.76 24.13 17.36
N LEU B 275 1.59 23.22 17.84
CA LEU B 275 1.28 22.51 19.07
C LEU B 275 2.28 22.86 20.18
N ILE B 276 1.91 22.50 21.39
CA ILE B 276 2.72 22.77 22.57
C ILE B 276 3.39 21.50 23.06
N ASP B 277 4.71 21.53 23.27
CA ASP B 277 5.42 20.35 23.77
C ASP B 277 5.09 20.12 25.25
N CYS B 278 4.42 19.04 25.56
CA CYS B 278 4.09 18.72 26.95
C CYS B 278 4.68 17.38 27.32
N SER B 279 5.80 17.03 26.68
CA SER B 279 6.49 15.77 26.94
C SER B 279 6.83 15.55 28.41
N ASP B 280 7.07 16.65 29.14
CA ASP B 280 7.57 16.51 30.51
C ASP B 280 6.49 16.05 31.49
N VAL B 281 5.24 16.01 31.03
CA VAL B 281 4.15 15.50 31.85
C VAL B 281 4.16 13.96 31.93
N ILE B 282 4.71 13.32 30.92
CA ILE B 282 4.68 11.85 30.84
C ILE B 282 5.59 11.24 31.92
N PRO B 283 5.07 10.29 32.70
CA PRO B 283 5.86 9.68 33.80
C PRO B 283 7.03 8.86 33.28
N THR B 284 8.07 8.74 34.10
CA THR B 284 9.15 7.80 33.78
C THR B 284 8.66 6.36 33.92
N PRO B 285 8.90 5.52 32.89
CA PRO B 285 8.45 4.13 32.93
C PRO B 285 9.27 3.29 33.89
N PRO B 286 8.72 2.16 34.36
CA PRO B 286 9.52 1.26 35.21
C PRO B 286 10.59 0.62 34.37
N ALA B 287 11.70 0.21 34.99
CA ALA B 287 12.79 -0.38 34.23
C ALA B 287 12.41 -1.72 33.59
N LEU B 288 13.21 -2.15 32.62
CA LEU B 288 13.07 -3.47 32.00
C LEU B 288 13.10 -4.60 33.04
N VAL B 289 12.34 -5.67 32.80
CA VAL B 289 12.51 -6.89 33.59
C VAL B 289 12.76 -8.07 32.65
N GLY B 290 13.69 -8.94 33.02
CA GLY B 290 13.98 -10.10 32.21
C GLY B 290 15.07 -9.79 31.20
N ALA B 291 15.76 -10.83 30.73
CA ALA B 291 16.83 -10.64 29.79
C ALA B 291 16.46 -11.27 28.46
N ALA B 292 17.10 -10.81 27.38
CA ALA B 292 16.84 -11.36 26.06
C ALA B 292 17.25 -12.84 26.02
N HIS B 293 16.43 -13.68 25.39
CA HIS B 293 16.71 -15.11 25.37
C HIS B 293 15.95 -15.84 24.27
N LEU B 294 16.51 -16.93 23.77
CA LEU B 294 15.71 -17.86 22.99
C LEU B 294 14.86 -18.60 24.01
N PRO B 295 13.60 -18.92 23.66
CA PRO B 295 12.79 -19.72 24.56
C PRO B 295 13.46 -21.05 24.88
N ALA B 296 13.10 -21.66 26.00
CA ALA B 296 13.65 -22.97 26.37
C ALA B 296 13.30 -24.02 25.32
N GLY B 297 14.27 -24.83 24.94
CA GLY B 297 14.03 -25.88 23.96
C GLY B 297 14.39 -25.47 22.55
N PHE B 298 14.83 -24.21 22.39
CA PHE B 298 15.24 -23.71 21.08
C PHE B 298 16.74 -23.47 21.07
N SER B 299 17.34 -23.54 19.88
CA SER B 299 18.76 -23.21 19.72
C SER B 299 18.90 -22.21 18.59
N LEU B 300 20.12 -21.72 18.39
CA LEU B 300 20.39 -20.74 17.33
C LEU B 300 20.02 -21.27 15.95
N SER B 301 20.04 -22.60 15.80
CA SER B 301 19.69 -23.23 14.54
C SER B 301 18.18 -23.20 14.28
N ASP B 302 17.40 -22.87 15.32
CA ASP B 302 15.95 -22.72 15.17
C ASP B 302 15.59 -21.30 14.74
N VAL B 303 16.61 -20.47 14.60
CA VAL B 303 16.40 -19.10 14.17
C VAL B 303 16.51 -19.00 12.65
N GLU B 304 15.49 -18.42 12.02
CA GLU B 304 15.54 -18.21 10.58
C GLU B 304 16.31 -16.94 10.24
N GLN B 305 17.59 -17.13 9.95
CA GLN B 305 18.51 -16.06 9.59
C GLN B 305 18.08 -15.36 8.28
N ALA B 306 17.51 -14.17 8.39
CA ALA B 306 17.04 -13.46 7.21
C ALA B 306 17.89 -12.24 6.83
N CYS B 307 18.71 -11.75 7.76
CA CYS B 307 19.59 -10.63 7.45
C CYS B 307 20.90 -11.14 6.88
N ALA B 308 21.27 -10.66 5.70
CA ALA B 308 22.50 -11.13 5.05
C ALA B 308 23.74 -10.38 5.52
N ALA B 309 23.56 -9.13 5.94
CA ALA B 309 24.71 -8.28 6.30
C ALA B 309 25.32 -8.62 7.66
N THR B 310 24.61 -9.39 8.47
CA THR B 310 25.00 -9.64 9.85
C THR B 310 24.32 -10.90 10.34
N PRO B 311 25.06 -11.80 11.00
CA PRO B 311 24.40 -13.01 11.51
C PRO B 311 23.60 -12.68 12.76
N PHE B 312 22.62 -13.53 13.10
CA PHE B 312 21.82 -13.36 14.30
C PHE B 312 22.72 -13.33 15.54
N PRO B 313 22.42 -12.42 16.48
CA PRO B 313 23.17 -12.35 17.75
C PRO B 313 23.19 -13.70 18.47
N ALA B 314 24.32 -14.03 19.08
CA ALA B 314 24.49 -15.34 19.72
C ALA B 314 23.78 -15.44 21.07
N LEU B 315 22.45 -15.43 21.04
CA LEU B 315 21.62 -15.53 22.24
C LEU B 315 21.72 -16.92 22.86
N THR B 316 21.64 -16.97 24.18
CA THR B 316 21.55 -18.24 24.89
C THR B 316 20.09 -18.53 25.18
N ALA B 317 19.74 -19.81 25.11
CA ALA B 317 18.38 -20.23 25.39
C ALA B 317 18.23 -20.45 26.89
N ASP B 318 17.05 -20.19 27.41
CA ASP B 318 16.69 -20.64 28.73
C ASP B 318 16.92 -22.16 28.78
N PRO B 319 17.33 -22.69 29.94
CA PRO B 319 17.75 -24.10 30.03
C PRO B 319 16.58 -25.08 30.02
N GLY B 320 16.83 -26.32 29.60
CA GLY B 320 15.83 -27.36 29.69
C GLY B 320 14.82 -27.40 28.56
N PRO B 321 13.69 -28.09 28.78
CA PRO B 321 12.71 -28.45 27.75
C PRO B 321 11.76 -27.30 27.41
N VAL B 322 11.02 -27.48 26.32
CA VAL B 322 10.08 -26.49 25.82
C VAL B 322 8.93 -26.29 26.80
N THR B 323 8.50 -25.03 26.98
CA THR B 323 7.35 -24.71 27.82
C THR B 323 6.40 -23.84 27.01
N SER B 324 5.14 -23.76 27.42
CA SER B 324 4.15 -23.01 26.66
C SER B 324 3.87 -21.63 27.29
N VAL B 325 3.21 -20.76 26.53
CA VAL B 325 2.94 -19.39 26.99
C VAL B 325 1.52 -19.30 27.53
N PRO B 326 1.38 -18.83 28.78
CA PRO B 326 0.06 -18.66 29.42
C PRO B 326 -0.80 -17.65 28.67
N PRO B 327 -2.13 -17.85 28.67
CA PRO B 327 -3.00 -16.84 28.07
C PRO B 327 -2.84 -15.53 28.84
N VAL B 328 -3.10 -14.40 28.19
CA VAL B 328 -2.92 -13.13 28.87
C VAL B 328 -4.00 -12.98 29.94
N PRO B 329 -3.60 -12.61 31.17
CA PRO B 329 -4.58 -12.31 32.22
C PRO B 329 -5.47 -11.15 31.80
CA CA C . -17.06 4.30 -16.18
CA CA D . 7.77 -3.38 -22.38
CHA HEM E . -1.68 5.04 -23.41
CHB HEM E . -1.57 8.84 -20.35
CHC HEM E . -2.40 5.82 -16.65
CHD HEM E . -2.92 2.06 -19.71
C1A HEM E . -1.63 6.34 -22.91
C2A HEM E . -1.54 7.54 -23.70
C3A HEM E . -1.50 8.59 -22.87
C4A HEM E . -1.58 8.09 -21.51
CMA HEM E . -1.41 10.07 -23.30
CAA HEM E . -1.48 7.60 -25.25
CBA HEM E . -2.87 7.91 -25.82
CGA HEM E . -2.69 8.17 -27.29
O1A HEM E . -2.98 7.25 -28.10
O2A HEM E . -2.22 9.28 -27.65
C1B HEM E . -1.78 8.36 -19.08
C2B HEM E . -1.80 9.14 -17.87
C3B HEM E . -2.01 8.32 -16.84
C4B HEM E . -2.15 6.97 -17.37
CMB HEM E . -1.59 10.66 -17.76
CAB HEM E . -2.10 8.80 -15.36
CBB HEM E . -2.03 7.97 -14.31
C1C HEM E . -2.70 4.58 -17.17
C2C HEM E . -3.22 3.46 -16.40
C3C HEM E . -3.38 2.40 -17.23
C4C HEM E . -2.95 2.82 -18.56
CMC HEM E . -3.53 3.50 -14.89
CAC HEM E . -3.92 1.03 -16.74
CBC HEM E . -4.45 0.12 -17.56
C1D HEM E . -2.50 2.47 -20.96
C2D HEM E . -2.22 1.61 -22.10
C3D HEM E . -1.85 2.55 -23.24
C4D HEM E . -1.94 3.88 -22.70
CMD HEM E . -2.27 0.07 -22.18
CAD HEM E . -1.46 2.14 -24.68
CBD HEM E . -2.63 2.29 -25.64
CGD HEM E . -2.25 1.73 -26.98
O1D HEM E . -1.12 1.20 -27.13
O2D HEM E . -3.07 1.82 -27.93
NA HEM E . -1.66 6.70 -21.58
NB HEM E . -2.00 7.03 -18.74
NC HEM E . -2.55 4.15 -18.48
ND HEM E . -2.32 3.81 -21.35
FE HEM E . -1.91 5.35 -20.01
CA CA F . -7.74 9.71 12.49
CA CA G . 7.25 -8.33 25.29
CHA HEM H . -2.79 -5.81 17.95
CHB HEM H . -2.09 -5.77 13.15
CHC HEM H . 1.01 -2.05 13.45
CHD HEM H . -0.16 -1.70 18.17
C1A HEM H . -2.87 -6.12 16.60
C2A HEM H . -3.70 -7.15 16.01
C3A HEM H . -3.50 -7.14 14.70
C4A HEM H . -2.54 -6.10 14.40
CMA HEM H . -4.19 -8.08 13.66
CAA HEM H . -4.65 -8.10 16.78
CBA HEM H . -6.03 -7.44 16.87
CGA HEM H . -6.98 -8.50 17.38
O1A HEM H . -7.22 -9.50 16.66
O2A HEM H . -7.49 -8.36 18.53
C1B HEM H . -1.15 -4.82 12.81
C2B HEM H . -0.59 -4.63 11.50
C3B HEM H . 0.29 -3.62 11.54
C4B HEM H . 0.28 -3.10 12.92
CMB HEM H . -0.91 -5.49 10.26
CAB HEM H . 1.10 -3.14 10.32
CBB HEM H . 2.08 -2.23 10.39
C1C HEM H . 0.86 -1.57 14.75
C2C HEM H . 1.36 -0.30 15.26
C3C HEM H . 1.01 -0.20 16.56
C4C HEM H . 0.30 -1.42 16.90
CMC HEM H . 2.12 0.74 14.40
CAC HEM H . 1.26 0.90 17.62
CBC HEM H . 2.04 1.97 17.45
C1D HEM H . -0.85 -2.82 18.58
C2D HEM H . -1.09 -3.19 19.96
C3D HEM H . -1.92 -4.47 19.88
C4D HEM H . -2.11 -4.73 18.47
CMD HEM H . -0.60 -2.48 21.23
CAD HEM H . -2.44 -5.31 21.06
CBD HEM H . -3.85 -4.89 21.44
CGD HEM H . -4.29 -5.73 22.60
O1D HEM H . -3.45 -6.48 23.16
O2D HEM H . -5.50 -5.67 22.96
NA HEM H . -2.18 -5.49 15.58
NB HEM H . -0.60 -3.87 13.66
NC HEM H . 0.23 -2.23 15.78
ND HEM H . -1.46 -3.74 17.73
FE HEM H . -0.82 -3.93 15.73
S SO4 I . -2.08 -7.27 -1.34
O1 SO4 I . -3.01 -6.20 -1.69
O2 SO4 I . -2.04 -7.44 0.11
O3 SO4 I . -2.50 -8.54 -1.93
O4 SO4 I . -0.74 -6.96 -1.80
S SO4 J . -14.55 9.15 34.49
O1 SO4 J . -15.62 9.84 35.24
O2 SO4 J . -13.71 8.39 35.42
O3 SO4 J . -15.14 8.30 33.45
O4 SO4 J . -13.73 10.16 33.83
#